data_9NS9
#
_entry.id   9NS9
#
_cell.length_a   1.00
_cell.length_b   1.00
_cell.length_c   1.00
_cell.angle_alpha   90.00
_cell.angle_beta   90.00
_cell.angle_gamma   90.00
#
_symmetry.space_group_name_H-M   'P 1'
#
loop_
_entity.id
_entity.type
_entity.pdbx_description
1 polymer 'Free fatty acid receptor 2'
2 polymer 'Guanine nucleotide-binding protein G(i) subunit alpha-1'
3 polymer 'Guanine nucleotide-binding protein G(I)/G(S)/G(T) subunit beta-1'
4 polymer 'Guanine nucleotide-binding protein G(I)/G(S)/G(O) subunit gamma-2'
5 polymer scFv16
6 non-polymer '(2R,4R)-2-(2-chlorophenyl)-3-[4-(3,5-dimethyl-1,2-oxazol-4-yl)phenyl]carbonyl-1,3-thiazolidine-4-carboxylic acid'
7 non-polymer 4-[(2R,6S)-2,6-dimethylmorpholin-4-yl]-7-(2-fluorobenzene-1-sulfonyl)-2-methyl-5H-pyrrolo[3,2-d]pyrimidin-6-amine
#
loop_
_entity_poly.entity_id
_entity_poly.type
_entity_poly.pdbx_seq_one_letter_code
_entity_poly.pdbx_strand_id
1 'polypeptide(L)'
;DYKDDDDGQPGNGSAFLLAPNGSHAPDHNVTQQRDEENLYFQGVDMLPDWKSSLILMAYIIIFLTGLPANLLALRAFVGR
IRQPQPAPVHILLLSLTLADLLLLLLLPFKIIEAASNFRWYLPKVVCALTSFGFYSSIYCSTWLLAGISIERYLGVAFPV
QYKLSRRPLYGVIAALVAWVMSFGHCTIVIIVQYLNTTEQVRSGNEITCYENFTDNQLDVVLPVRLELCLVLFFIPMAVT
IFCYWRFVWIMLSQPLVGAQRRRRAVGLAVVTLLNFLVCFGPYNVSHLVGYHQRKSPWWRSIAVVFSSLNASLDPLLFYF
SSSVVRRAFGRGLQVLRNQGSSLLGRRGKDTAEGTNEDRGVGQGEGMPSSDFTTEAAAVFTLEDFVGDWEQTAAYNLDQV
LEQGGVSSLLQNLAVSVTPIQRIVRSGENALKIDIHVIIPYEGLSADQMAQIEEVFKVVYPVDDHHFKVILPYGTLVIDG
VTPNMLNYFGRPYEGIAVFDGKKITVTGTLWNGNKIIDERLITPDGSMLFRVTINSHHHHHHHH
;
R
2 'polypeptide(L)'
;MGCTLSAEDKAAVERSKMIDRNLREDGEKAAREVKLLLLGAGESGKNTIVKQMKIIHEAGYSEEECKQYKAVVYSNTIQS
IIAIIRAMGRLKIDFGDSARADDARQLFVLAGAAEEGFMTAELAGVIKRLWKDSGVQACFNRSREYQLNDSAAYYLNDLD
RIAQPNYIPTQQDVLRTRVKTTGIVETHFTFKDLHFKMFDVGAQRSERKKWIHCFEGVTAIIFCVALSDYDLVLAEDEEM
NRMHASMKLFDSICNNKWFTDTSIILFLNKKDLFEEKIKKSPLTICYPEYAGSNTYEEAAAYIQCQFEDLNKRKDTKEIY
THFTCSTDTKNVQFVFDAVTDVIIKNNLKDCGLF
;
A
3 'polypeptide(L)'
;MHHHHHHGSSGSELDQLRQEAEQLKNQIRDARKACADATLSQITNNIDPVGRIQMRTRRTLRGHLAKIYAMHWGTDSRLL
VSASQDGKLIIWDSYTTNKVHAIPLRSSWVMTCAYAPSGNYVACGGLDNICSIYNLKTREGNVRVSRELAGHTGYLSCCR
FLDDNQIVTSSGDTTCALWDIETGQQTTTFTGHTGDVMSLSLAPDTRLFVSGACDASAKLWDVREGMCRQTFTGHESDIN
AICFFPNGNAFATGSDDATCRLFDLRADQELMTYSHDNIICGITSVSFSKSGRLLLAGYDDFNCNVWDALKADRAGVLAG
HDNRVSCLGVTDDGMAVATGSWDSFLKIWNGSSGGGGSGGGGSSGVSGWRLFKKIS
;
B
4 'polypeptide(L)' MASNNTASIAQARKLVEQLKMEANIDRIKVSKAAADLMAYCEAHAKEDPLLTPVPASENPFREKKFFCAIL G
5 'polypeptide(L)'
;VQLVESGGGLVQPGGSRKLSCSASGFAFSSFGMHWVRQAPEKGLEWVAYISSGSGTIYYADTVKGRFTISRDDPKNTLFL
QMTSLRSEDTAMYYCVRSIYYYGSSPFDFWGQGTTLTVSAGGGGSGGGGSGGGGSADIVMTQATSSVPVTPGESVSISCR
SSKSLLHSNGNTYLYWFLQRPGQSPQLLIYRMSNLASGVPDRFSGSGSGTAFTLTISRLEAEDVGVYYCMQHLEYPLTFG
AGTKLELLEENLYFQGASHHHHHHHH
;
N
#
loop_
_chem_comp.id
_chem_comp.type
_chem_comp.name
_chem_comp.formula
9UJ non-polymer '(2R,4R)-2-(2-chlorophenyl)-3-[4-(3,5-dimethyl-1,2-oxazol-4-yl)phenyl]carbonyl-1,3-thiazolidine-4-carboxylic acid' 'C22 H19 Cl N2 O4 S'
A1AZC non-polymer 4-[(2R,6S)-2,6-dimethylmorpholin-4-yl]-7-(2-fluorobenzene-1-sulfonyl)-2-methyl-5H-pyrrolo[3,2-d]pyrimidin-6-amine 'C19 H22 F N5 O3 S'
#
# COMPACT_ATOMS: atom_id res chain seq x y z
N PRO A 48 -56.29 -10.90 16.95
CA PRO A 48 -55.68 -9.80 17.70
C PRO A 48 -55.52 -10.11 19.17
N ASP A 49 -55.68 -11.38 19.55
CA ASP A 49 -55.58 -11.78 20.98
C ASP A 49 -54.87 -13.13 21.08
N TRP A 50 -54.27 -13.42 22.24
CA TRP A 50 -53.58 -14.71 22.46
C TRP A 50 -52.56 -14.94 21.34
N LYS A 51 -52.71 -16.02 20.59
CA LYS A 51 -51.76 -16.36 19.49
C LYS A 51 -51.32 -15.07 18.77
N SER A 52 -52.28 -14.27 18.29
CA SER A 52 -51.93 -13.09 17.52
C SER A 52 -51.09 -12.12 18.36
N SER A 53 -51.46 -11.93 19.63
CA SER A 53 -50.69 -11.06 20.51
C SER A 53 -49.29 -11.61 20.71
N LEU A 54 -49.17 -12.91 20.92
CA LEU A 54 -47.86 -13.53 21.09
C LEU A 54 -47.01 -13.37 19.83
N ILE A 55 -47.61 -13.54 18.66
CA ILE A 55 -46.88 -13.38 17.41
C ILE A 55 -46.42 -11.95 17.24
N LEU A 56 -47.28 -10.98 17.58
CA LEU A 56 -46.90 -9.58 17.49
C LEU A 56 -45.76 -9.25 18.44
N MET A 57 -45.82 -9.77 19.67
CA MET A 57 -44.73 -9.54 20.62
C MET A 57 -43.43 -10.15 20.14
N ALA A 58 -43.50 -11.37 19.59
CA ALA A 58 -42.31 -12.02 19.05
C ALA A 58 -41.72 -11.21 17.89
N TYR A 59 -42.59 -10.71 17.01
CA TYR A 59 -42.11 -9.87 15.91
C TYR A 59 -41.44 -8.61 16.43
N ILE A 60 -42.03 -7.97 17.44
CA ILE A 60 -41.48 -6.73 17.96
C ILE A 60 -40.10 -6.98 18.58
N ILE A 61 -39.98 -8.03 19.40
CA ILE A 61 -38.71 -8.29 20.06
C ILE A 61 -37.66 -8.73 19.05
N ILE A 62 -38.06 -9.51 18.05
CA ILE A 62 -37.12 -9.94 17.01
C ILE A 62 -36.60 -8.73 16.24
N PHE A 63 -37.50 -7.83 15.85
CA PHE A 63 -37.11 -6.65 15.08
C PHE A 63 -36.16 -5.78 15.91
N LEU A 64 -36.52 -5.53 17.18
CA LEU A 64 -35.70 -4.67 18.02
C LEU A 64 -34.33 -5.28 18.28
N THR A 65 -34.26 -6.59 18.53
CA THR A 65 -32.97 -7.22 18.79
C THR A 65 -32.16 -7.42 17.52
N GLY A 66 -32.80 -7.41 16.35
CA GLY A 66 -32.08 -7.68 15.13
C GLY A 66 -31.61 -6.47 14.36
N LEU A 67 -32.28 -5.32 14.52
CA LEU A 67 -31.83 -4.17 13.75
C LEU A 67 -30.39 -3.76 14.10
N PRO A 68 -30.10 -3.32 15.32
CA PRO A 68 -28.76 -2.73 15.57
C PRO A 68 -27.63 -3.68 15.23
N ALA A 69 -27.77 -4.96 15.58
CA ALA A 69 -26.77 -5.95 15.22
C ALA A 69 -26.60 -6.04 13.72
N ASN A 70 -27.70 -5.92 12.97
CA ASN A 70 -27.59 -5.90 11.53
C ASN A 70 -26.81 -4.67 11.05
N LEU A 71 -27.01 -3.51 11.68
CA LEU A 71 -26.24 -2.34 11.27
C LEU A 71 -24.74 -2.54 11.53
N LEU A 72 -24.36 -3.03 12.72
CA LEU A 72 -22.93 -3.20 12.96
C LEU A 72 -22.34 -4.29 12.06
N ALA A 73 -23.10 -5.36 11.82
CA ALA A 73 -22.62 -6.41 10.93
C ALA A 73 -22.42 -5.87 9.51
N LEU A 74 -23.36 -5.07 9.02
CA LEU A 74 -23.23 -4.48 7.70
C LEU A 74 -22.01 -3.55 7.63
N ARG A 75 -21.82 -2.73 8.66
CA ARG A 75 -20.65 -1.83 8.67
C ARG A 75 -19.35 -2.62 8.65
N ALA A 76 -19.26 -3.67 9.48
CA ALA A 76 -18.05 -4.47 9.52
C ALA A 76 -17.81 -5.17 8.18
N PHE A 77 -18.87 -5.68 7.55
CA PHE A 77 -18.71 -6.42 6.31
C PHE A 77 -18.35 -5.51 5.15
N VAL A 78 -18.92 -4.30 5.10
CA VAL A 78 -18.52 -3.37 4.04
C VAL A 78 -17.10 -2.88 4.29
N GLY A 79 -16.69 -2.71 5.55
CA GLY A 79 -15.30 -2.39 5.82
C GLY A 79 -14.35 -3.49 5.37
N ARG A 80 -14.73 -4.74 5.59
CA ARG A 80 -13.89 -5.86 5.17
C ARG A 80 -13.83 -5.98 3.65
N ILE A 81 -14.99 -5.80 2.98
CA ILE A 81 -15.00 -5.89 1.52
C ILE A 81 -14.22 -4.73 0.91
N ARG A 82 -14.17 -3.59 1.60
CA ARG A 82 -13.32 -2.49 1.14
C ARG A 82 -11.85 -2.82 1.29
N GLN A 83 -11.50 -3.63 2.29
CA GLN A 83 -10.11 -4.03 2.48
C GLN A 83 -9.66 -4.93 1.34
N PRO A 84 -8.38 -4.91 1.00
CA PRO A 84 -7.91 -5.66 -0.16
C PRO A 84 -7.85 -7.16 0.10
N GLN A 85 -7.83 -7.92 -1.01
CA GLN A 85 -7.82 -9.38 -1.02
C GLN A 85 -8.97 -9.95 -0.20
N PRO A 86 -10.21 -9.84 -0.66
CA PRO A 86 -11.33 -10.41 0.08
C PRO A 86 -11.62 -11.85 -0.32
N ALA A 87 -12.08 -12.63 0.66
CA ALA A 87 -12.46 -14.00 0.45
C ALA A 87 -13.92 -14.09 -0.01
N PRO A 88 -14.27 -15.15 -0.74
CA PRO A 88 -15.68 -15.30 -1.15
C PRO A 88 -16.65 -15.36 0.02
N VAL A 89 -16.21 -15.92 1.16
CA VAL A 89 -17.09 -16.01 2.31
C VAL A 89 -17.44 -14.62 2.83
N HIS A 90 -16.53 -13.66 2.70
CA HIS A 90 -16.85 -12.29 3.10
C HIS A 90 -17.96 -11.71 2.24
N ILE A 91 -17.91 -11.95 0.93
CA ILE A 91 -18.96 -11.46 0.04
C ILE A 91 -20.28 -12.13 0.35
N LEU A 92 -20.25 -13.45 0.60
CA LEU A 92 -21.47 -14.15 0.96
C LEU A 92 -22.06 -13.63 2.26
N LEU A 93 -21.20 -13.34 3.24
CA LEU A 93 -21.67 -12.77 4.50
C LEU A 93 -22.28 -11.39 4.30
N LEU A 94 -21.66 -10.56 3.46
CA LEU A 94 -22.21 -9.25 3.17
C LEU A 94 -23.57 -9.35 2.50
N SER A 95 -23.70 -10.25 1.53
CA SER A 95 -24.99 -10.45 0.86
C SER A 95 -26.03 -10.99 1.83
N LEU A 96 -25.63 -11.90 2.72
CA LEU A 96 -26.57 -12.40 3.73
C LEU A 96 -27.04 -11.29 4.65
N THR A 97 -26.13 -10.42 5.06
CA THR A 97 -26.52 -9.29 5.90
C THR A 97 -27.45 -8.34 5.17
N LEU A 98 -27.19 -8.10 3.89
CA LEU A 98 -28.08 -7.23 3.11
C LEU A 98 -29.47 -7.85 3.00
N ALA A 99 -29.56 -9.14 2.70
CA ALA A 99 -30.85 -9.80 2.62
C ALA A 99 -31.56 -9.80 3.97
N ASP A 100 -30.80 -9.99 5.05
CA ASP A 100 -31.37 -9.97 6.39
C ASP A 100 -31.94 -8.60 6.72
N LEU A 101 -31.21 -7.54 6.37
CA LEU A 101 -31.70 -6.18 6.60
C LEU A 101 -32.95 -5.91 5.76
N LEU A 102 -32.97 -6.40 4.52
CA LEU A 102 -34.17 -6.25 3.70
C LEU A 102 -35.35 -6.97 4.33
N LEU A 103 -35.11 -8.15 4.88
CA LEU A 103 -36.18 -8.89 5.57
C LEU A 103 -36.68 -8.12 6.78
N LEU A 104 -35.77 -7.55 7.56
CA LEU A 104 -36.16 -6.83 8.77
C LEU A 104 -36.90 -5.53 8.43
N LEU A 105 -36.55 -4.89 7.32
CA LEU A 105 -37.23 -3.64 6.96
C LEU A 105 -38.71 -3.84 6.70
N LEU A 106 -39.09 -5.02 6.21
CA LEU A 106 -40.50 -5.33 5.93
C LEU A 106 -41.22 -5.92 7.14
N LEU A 107 -40.53 -6.08 8.27
CA LEU A 107 -41.20 -6.60 9.46
C LEU A 107 -42.37 -5.74 9.94
N PRO A 108 -42.29 -4.40 10.01
CA PRO A 108 -43.44 -3.64 10.53
C PRO A 108 -44.73 -3.89 9.78
N PHE A 109 -44.65 -4.10 8.46
CA PHE A 109 -45.82 -4.40 7.66
C PHE A 109 -46.46 -5.72 8.04
N LYS A 110 -45.73 -6.61 8.69
CA LYS A 110 -46.28 -7.84 9.24
C LYS A 110 -46.70 -7.71 10.69
N ILE A 111 -45.99 -6.89 11.47
CA ILE A 111 -46.39 -6.65 12.86
C ILE A 111 -47.74 -5.95 12.92
N ILE A 112 -47.93 -4.96 12.04
CA ILE A 112 -49.24 -4.24 12.01
C ILE A 112 -50.32 -5.28 11.69
N GLU A 113 -50.01 -6.22 10.80
CA GLU A 113 -51.00 -7.25 10.39
C GLU A 113 -51.26 -8.19 11.58
N ALA A 114 -50.27 -8.35 12.46
CA ALA A 114 -50.42 -9.29 13.59
C ALA A 114 -51.63 -8.88 14.44
N ALA A 115 -51.81 -7.58 14.65
CA ALA A 115 -52.97 -7.08 15.44
C ALA A 115 -54.28 -7.47 14.73
N LEU A 122 -55.97 -2.18 6.94
CA LEU A 122 -54.79 -2.75 6.24
C LEU A 122 -54.52 -1.97 4.95
N PRO A 123 -53.32 -2.05 4.34
CA PRO A 123 -53.02 -1.37 3.08
C PRO A 123 -53.44 -2.42 2.03
N LYS A 124 -53.10 -2.20 0.76
CA LYS A 124 -53.55 -3.13 -0.31
C LYS A 124 -52.55 -3.98 -1.12
N VAL A 125 -51.90 -3.39 -2.13
CA VAL A 125 -51.01 -4.18 -3.03
C VAL A 125 -49.76 -4.07 -2.16
N VAL A 126 -49.71 -3.09 -1.26
CA VAL A 126 -48.57 -2.98 -0.30
C VAL A 126 -48.41 -4.33 0.40
N CYS A 127 -49.52 -4.93 0.82
CA CYS A 127 -49.47 -6.28 1.47
C CYS A 127 -48.80 -7.27 0.54
N ALA A 128 -49.21 -7.30 -0.73
CA ALA A 128 -48.65 -8.27 -1.71
C ALA A 128 -47.13 -8.12 -1.77
N LEU A 129 -46.64 -6.92 -2.02
CA LEU A 129 -45.17 -6.71 -2.17
C LEU A 129 -44.46 -7.17 -0.91
N THR A 130 -44.95 -6.78 0.26
CA THR A 130 -44.25 -7.13 1.50
C THR A 130 -44.10 -8.64 1.65
N SER A 131 -45.13 -9.41 1.28
CA SER A 131 -45.00 -10.87 1.33
C SER A 131 -43.95 -11.36 0.33
N PHE A 132 -43.95 -10.77 -0.88
CA PHE A 132 -42.93 -11.11 -1.87
C PHE A 132 -41.54 -10.87 -1.32
N GLY A 133 -41.30 -9.68 -0.76
CA GLY A 133 -39.99 -9.38 -0.21
C GLY A 133 -39.62 -10.28 0.95
N PHE A 134 -40.58 -10.53 1.85
CA PHE A 134 -40.33 -11.38 3.00
C PHE A 134 -39.88 -12.77 2.57
N TYR A 135 -40.65 -13.41 1.70
CA TYR A 135 -40.36 -14.78 1.31
C TYR A 135 -39.09 -14.85 0.46
N SER A 136 -38.90 -13.88 -0.45
CA SER A 136 -37.69 -13.87 -1.26
C SER A 136 -36.45 -13.71 -0.38
N SER A 137 -36.52 -12.84 0.62
CA SER A 137 -35.38 -12.66 1.52
C SER A 137 -35.14 -13.91 2.35
N ILE A 138 -36.20 -14.58 2.80
CA ILE A 138 -36.03 -15.81 3.57
C ILE A 138 -35.30 -16.86 2.74
N TYR A 139 -35.77 -17.09 1.50
CA TYR A 139 -35.13 -18.11 0.68
C TYR A 139 -33.73 -17.69 0.24
N CYS A 140 -33.50 -16.40 0.03
CA CYS A 140 -32.16 -15.92 -0.27
C CYS A 140 -31.22 -16.17 0.90
N SER A 141 -31.70 -15.95 2.12
CA SER A 141 -30.89 -16.24 3.30
C SER A 141 -30.60 -17.73 3.39
N THR A 142 -31.58 -18.57 3.06
CA THR A 142 -31.34 -20.01 3.04
C THR A 142 -30.21 -20.38 2.09
N TRP A 143 -30.30 -19.89 0.84
CA TRP A 143 -29.29 -20.23 -0.15
C TRP A 143 -27.93 -19.64 0.22
N LEU A 144 -27.90 -18.46 0.82
CA LEU A 144 -26.63 -17.86 1.22
C LEU A 144 -26.01 -18.61 2.39
N LEU A 145 -26.83 -19.11 3.32
CA LEU A 145 -26.31 -19.96 4.37
C LEU A 145 -25.72 -21.23 3.79
N ALA A 146 -26.37 -21.81 2.79
CA ALA A 146 -25.79 -22.96 2.10
C ALA A 146 -24.44 -22.61 1.48
N GLY A 147 -24.36 -21.45 0.83
CA GLY A 147 -23.11 -21.03 0.23
C GLY A 147 -22.00 -20.83 1.25
N ILE A 148 -22.34 -20.23 2.40
CA ILE A 148 -21.36 -20.02 3.46
C ILE A 148 -20.88 -21.35 4.01
N SER A 149 -21.79 -22.31 4.17
CA SER A 149 -21.38 -23.64 4.62
C SER A 149 -20.45 -24.30 3.63
N ILE A 150 -20.74 -24.17 2.33
CA ILE A 150 -19.85 -24.70 1.31
C ILE A 150 -18.49 -24.01 1.38
N GLU A 151 -18.47 -22.70 1.60
CA GLU A 151 -17.22 -21.97 1.72
C GLU A 151 -16.40 -22.47 2.90
N ARG A 152 -17.04 -22.68 4.03
CA ARG A 152 -16.33 -23.18 5.21
C ARG A 152 -15.77 -24.58 4.96
N TYR A 153 -16.56 -25.46 4.34
CA TYR A 153 -16.06 -26.80 4.05
C TYR A 153 -14.86 -26.75 3.09
N LEU A 154 -14.95 -25.90 2.06
CA LEU A 154 -13.84 -25.82 1.11
C LEU A 154 -12.60 -25.21 1.74
N GLY A 155 -12.77 -24.25 2.66
CA GLY A 155 -11.64 -23.62 3.30
C GLY A 155 -11.05 -24.37 4.47
N VAL A 156 -11.73 -25.39 4.97
CA VAL A 156 -11.20 -26.18 6.07
C VAL A 156 -10.87 -27.61 5.63
N ALA A 157 -11.26 -27.98 4.41
CA ALA A 157 -10.98 -29.33 3.92
C ALA A 157 -9.94 -29.31 2.81
N PHE A 158 -9.79 -28.16 2.13
CA PHE A 158 -8.79 -27.96 1.09
C PHE A 158 -8.07 -26.65 1.36
N PRO A 159 -7.19 -26.62 2.37
CA PRO A 159 -6.59 -25.33 2.76
C PRO A 159 -5.66 -24.74 1.71
N VAL A 160 -4.73 -25.55 1.17
CA VAL A 160 -3.75 -25.01 0.23
C VAL A 160 -4.43 -24.60 -1.06
N GLN A 161 -5.43 -25.37 -1.52
CA GLN A 161 -6.15 -24.98 -2.73
C GLN A 161 -6.97 -23.72 -2.48
N TYR A 162 -7.61 -23.61 -1.31
CA TYR A 162 -8.37 -22.41 -0.98
C TYR A 162 -7.47 -21.19 -0.92
N LYS A 163 -6.22 -21.36 -0.47
CA LYS A 163 -5.29 -20.24 -0.46
C LYS A 163 -4.82 -19.89 -1.86
N LEU A 164 -4.48 -20.89 -2.67
CA LEU A 164 -3.96 -20.64 -4.02
C LEU A 164 -5.02 -19.99 -4.91
N SER A 165 -6.26 -20.44 -4.81
CA SER A 165 -7.37 -19.92 -5.61
C SER A 165 -8.42 -19.36 -4.66
N ARG A 166 -8.36 -18.05 -4.43
CA ARG A 166 -9.31 -17.36 -3.56
C ARG A 166 -9.91 -16.16 -4.28
N ARG A 167 -10.30 -16.35 -5.53
CA ARG A 167 -10.85 -15.26 -6.32
C ARG A 167 -12.25 -14.89 -5.82
N PRO A 168 -12.51 -13.61 -5.55
CA PRO A 168 -13.83 -13.22 -5.05
C PRO A 168 -14.97 -13.45 -6.03
N LEU A 169 -14.66 -13.69 -7.32
CA LEU A 169 -15.71 -13.89 -8.30
C LEU A 169 -16.57 -15.11 -7.97
N TYR A 170 -16.00 -16.13 -7.36
CA TYR A 170 -16.79 -17.28 -6.94
C TYR A 170 -17.86 -16.87 -5.93
N GLY A 171 -17.48 -16.06 -4.94
CA GLY A 171 -18.47 -15.56 -4.00
C GLY A 171 -19.49 -14.65 -4.65
N VAL A 172 -19.04 -13.81 -5.59
CA VAL A 172 -19.96 -12.90 -6.28
C VAL A 172 -21.02 -13.69 -7.03
N ILE A 173 -20.60 -14.70 -7.80
CA ILE A 173 -21.55 -15.51 -8.55
C ILE A 173 -22.37 -16.43 -7.66
N ALA A 174 -21.86 -16.84 -6.50
CA ALA A 174 -22.69 -17.58 -5.56
C ALA A 174 -23.82 -16.71 -5.02
N ALA A 175 -23.49 -15.47 -4.64
CA ALA A 175 -24.52 -14.54 -4.20
C ALA A 175 -25.51 -14.26 -5.32
N LEU A 176 -25.01 -14.12 -6.55
CA LEU A 176 -25.90 -13.89 -7.69
C LEU A 176 -26.83 -15.08 -7.91
N VAL A 177 -26.30 -16.30 -7.79
CA VAL A 177 -27.12 -17.49 -7.97
C VAL A 177 -28.20 -17.56 -6.90
N ALA A 178 -27.85 -17.27 -5.65
CA ALA A 178 -28.84 -17.28 -4.58
C ALA A 178 -29.92 -16.23 -4.82
N TRP A 179 -29.49 -15.00 -5.14
CA TRP A 179 -30.45 -13.92 -5.37
C TRP A 179 -31.36 -14.23 -6.54
N VAL A 180 -30.81 -14.80 -7.62
CA VAL A 180 -31.63 -15.18 -8.76
C VAL A 180 -32.63 -16.26 -8.36
N MET A 181 -32.13 -17.35 -7.78
CA MET A 181 -32.98 -18.50 -7.46
C MET A 181 -34.10 -18.12 -6.49
N SER A 182 -33.91 -17.07 -5.69
CA SER A 182 -35.01 -16.63 -4.83
C SER A 182 -35.91 -15.61 -5.52
N PHE A 183 -35.33 -14.47 -5.91
CA PHE A 183 -36.12 -13.35 -6.42
C PHE A 183 -36.81 -13.68 -7.73
N GLY A 184 -36.12 -14.35 -8.66
CA GLY A 184 -36.76 -14.70 -9.91
C GLY A 184 -37.92 -15.66 -9.73
N HIS A 185 -37.74 -16.67 -8.87
CA HIS A 185 -38.84 -17.59 -8.58
C HIS A 185 -40.04 -16.84 -8.01
N CYS A 186 -39.80 -15.98 -7.02
CA CYS A 186 -40.89 -15.23 -6.42
C CYS A 186 -41.54 -14.30 -7.44
N THR A 187 -40.74 -13.67 -8.30
CA THR A 187 -41.29 -12.75 -9.30
C THR A 187 -42.16 -13.49 -10.30
N ILE A 188 -41.71 -14.64 -10.80
CA ILE A 188 -42.52 -15.36 -11.78
C ILE A 188 -43.79 -15.92 -11.15
N VAL A 189 -43.71 -16.38 -9.89
CA VAL A 189 -44.92 -16.91 -9.28
C VAL A 189 -45.91 -15.79 -8.99
N ILE A 190 -45.43 -14.60 -8.61
CA ILE A 190 -46.34 -13.49 -8.37
C ILE A 190 -46.89 -12.95 -9.68
N ILE A 191 -46.13 -13.06 -10.77
CA ILE A 191 -46.64 -12.62 -12.07
C ILE A 191 -47.73 -13.56 -12.56
N VAL A 192 -47.47 -14.87 -12.45
CA VAL A 192 -48.50 -15.87 -12.86
C VAL A 192 -49.73 -15.67 -11.98
N GLN A 193 -49.51 -15.31 -10.72
CA GLN A 193 -50.66 -15.03 -9.80
C GLN A 193 -51.42 -13.82 -10.33
N TYR A 194 -50.71 -12.70 -10.54
CA TYR A 194 -51.35 -11.49 -11.03
C TYR A 194 -51.93 -11.68 -12.42
N LEU A 195 -51.21 -12.37 -13.30
CA LEU A 195 -51.67 -12.61 -14.66
C LEU A 195 -51.94 -14.09 -14.89
N THR A 208 -56.87 -9.59 5.03
CA THR A 208 -56.47 -10.82 4.34
C THR A 208 -54.98 -10.81 4.03
N CYS A 209 -54.62 -10.20 2.90
CA CYS A 209 -53.24 -10.09 2.44
C CYS A 209 -52.60 -11.48 2.30
N TYR A 210 -53.16 -12.25 1.36
CA TYR A 210 -52.73 -13.63 1.08
C TYR A 210 -52.92 -14.52 2.30
N GLU A 211 -54.17 -14.63 2.74
CA GLU A 211 -54.55 -15.46 3.87
C GLU A 211 -55.53 -16.57 3.48
N ASN A 212 -56.57 -16.24 2.72
CA ASN A 212 -57.59 -17.20 2.32
C ASN A 212 -57.55 -17.38 0.81
N PHE A 213 -57.72 -18.62 0.35
CA PHE A 213 -57.72 -18.95 -1.06
C PHE A 213 -58.92 -19.83 -1.39
N THR A 214 -59.37 -19.75 -2.63
CA THR A 214 -60.52 -20.51 -3.09
C THR A 214 -60.12 -21.98 -3.30
N ASP A 215 -61.07 -22.78 -3.78
CA ASP A 215 -60.81 -24.20 -4.02
C ASP A 215 -59.79 -24.38 -5.14
N ASN A 216 -60.02 -23.75 -6.28
CA ASN A 216 -59.05 -23.82 -7.37
C ASN A 216 -57.78 -23.05 -7.04
N GLN A 217 -57.92 -21.94 -6.31
CA GLN A 217 -56.75 -21.15 -5.93
C GLN A 217 -55.81 -21.96 -5.05
N LEU A 218 -56.37 -22.66 -4.05
CA LEU A 218 -55.54 -23.53 -3.22
C LEU A 218 -55.01 -24.72 -4.02
N ASP A 219 -55.83 -25.25 -4.93
CA ASP A 219 -55.41 -26.36 -5.78
C ASP A 219 -54.25 -25.98 -6.69
N VAL A 220 -54.07 -24.69 -6.98
CA VAL A 220 -52.93 -24.23 -7.74
C VAL A 220 -51.76 -23.86 -6.82
N VAL A 221 -52.07 -23.33 -5.64
CA VAL A 221 -51.02 -22.89 -4.72
C VAL A 221 -50.25 -24.09 -4.17
N LEU A 222 -50.96 -25.13 -3.74
CA LEU A 222 -50.31 -26.23 -3.02
C LEU A 222 -49.22 -26.94 -3.83
N PRO A 223 -49.46 -27.38 -5.08
CA PRO A 223 -48.35 -27.97 -5.84
C PRO A 223 -47.21 -26.99 -6.08
N VAL A 224 -47.55 -25.72 -6.29
CA VAL A 224 -46.50 -24.71 -6.44
C VAL A 224 -45.72 -24.56 -5.15
N ARG A 225 -46.40 -24.58 -4.00
CA ARG A 225 -45.71 -24.54 -2.72
C ARG A 225 -44.76 -25.72 -2.57
N LEU A 226 -45.22 -26.92 -2.91
CA LEU A 226 -44.39 -28.11 -2.76
C LEU A 226 -43.17 -28.04 -3.66
N GLU A 227 -43.36 -27.68 -4.93
CA GLU A 227 -42.23 -27.59 -5.86
C GLU A 227 -41.25 -26.52 -5.42
N LEU A 228 -41.77 -25.36 -5.01
CA LEU A 228 -40.89 -24.26 -4.58
C LEU A 228 -40.09 -24.66 -3.36
N CYS A 229 -40.72 -25.32 -2.39
CA CYS A 229 -39.96 -25.82 -1.24
C CYS A 229 -38.90 -26.81 -1.68
N LEU A 230 -39.26 -27.75 -2.55
CA LEU A 230 -38.32 -28.78 -2.97
C LEU A 230 -37.10 -28.19 -3.67
N VAL A 231 -37.28 -27.09 -4.40
CA VAL A 231 -36.14 -26.51 -5.10
C VAL A 231 -35.35 -25.56 -4.19
N LEU A 232 -36.02 -24.81 -3.31
CA LEU A 232 -35.38 -23.73 -2.59
C LEU A 232 -34.90 -24.11 -1.20
N PHE A 233 -35.30 -25.26 -0.66
CA PHE A 233 -34.82 -25.64 0.67
C PHE A 233 -34.09 -26.97 0.67
N PHE A 234 -34.66 -27.99 0.02
CA PHE A 234 -34.12 -29.33 0.13
C PHE A 234 -32.69 -29.40 -0.40
N ILE A 235 -32.43 -28.80 -1.56
CA ILE A 235 -31.06 -28.75 -2.06
C ILE A 235 -30.16 -27.91 -1.17
N PRO A 236 -30.51 -26.67 -0.79
CA PRO A 236 -29.66 -25.94 0.17
C PRO A 236 -29.49 -26.66 1.49
N MET A 237 -30.55 -27.26 2.02
CA MET A 237 -30.42 -27.98 3.28
C MET A 237 -29.50 -29.18 3.14
N ALA A 238 -29.63 -29.92 2.02
CA ALA A 238 -28.79 -31.08 1.81
C ALA A 238 -27.32 -30.67 1.70
N VAL A 239 -27.02 -29.64 0.91
CA VAL A 239 -25.63 -29.25 0.75
C VAL A 239 -25.09 -28.68 2.05
N THR A 240 -25.91 -27.94 2.81
CA THR A 240 -25.46 -27.39 4.08
C THR A 240 -25.13 -28.50 5.07
N ILE A 241 -26.03 -29.49 5.20
CA ILE A 241 -25.79 -30.55 6.16
C ILE A 241 -24.60 -31.40 5.74
N PHE A 242 -24.44 -31.66 4.44
CA PHE A 242 -23.30 -32.45 3.99
C PHE A 242 -21.99 -31.73 4.24
N CYS A 243 -21.93 -30.44 3.88
CA CYS A 243 -20.71 -29.67 4.06
C CYS A 243 -20.37 -29.51 5.54
N TYR A 244 -21.37 -29.28 6.39
CA TYR A 244 -21.08 -29.13 7.81
C TYR A 244 -20.69 -30.46 8.45
N TRP A 245 -21.28 -31.57 8.00
CA TRP A 245 -20.87 -32.87 8.51
C TRP A 245 -19.42 -33.17 8.13
N ARG A 246 -19.06 -32.89 6.88
CA ARG A 246 -17.68 -33.09 6.45
C ARG A 246 -16.73 -32.17 7.21
N PHE A 247 -17.14 -30.92 7.44
CA PHE A 247 -16.33 -29.98 8.19
C PHE A 247 -16.10 -30.49 9.62
N VAL A 248 -17.15 -30.98 10.27
CA VAL A 248 -17.01 -31.48 11.63
C VAL A 248 -16.10 -32.70 11.66
N TRP A 249 -16.28 -33.62 10.70
CA TRP A 249 -15.45 -34.82 10.66
C TRP A 249 -13.99 -34.47 10.45
N ILE A 250 -13.70 -33.52 9.56
CA ILE A 250 -12.34 -33.07 9.36
C ILE A 250 -11.79 -32.41 10.63
N MET A 251 -12.62 -31.61 11.30
CA MET A 251 -12.17 -30.90 12.48
C MET A 251 -11.77 -31.85 13.59
N LEU A 252 -12.58 -32.88 13.85
CA LEU A 252 -12.24 -33.81 14.92
C LEU A 252 -11.44 -35.02 14.44
N SER A 253 -11.05 -35.06 13.17
CA SER A 253 -10.24 -36.15 12.62
C SER A 253 -9.04 -35.60 11.86
N GLN A 254 -8.34 -34.64 12.47
CA GLN A 254 -7.16 -34.03 11.87
C GLN A 254 -6.21 -33.59 12.97
N PRO A 255 -4.91 -33.82 12.82
CA PRO A 255 -3.96 -33.30 13.80
C PRO A 255 -3.82 -31.78 13.69
N LEU A 256 -4.37 -31.06 14.66
CA LEU A 256 -4.46 -29.61 14.59
C LEU A 256 -4.17 -29.05 15.98
N VAL A 257 -4.54 -27.79 16.19
CA VAL A 257 -4.32 -27.10 17.46
C VAL A 257 -5.17 -27.77 18.54
N GLY A 258 -4.88 -27.45 19.80
CA GLY A 258 -5.54 -28.07 20.92
C GLY A 258 -7.05 -27.83 20.93
N ALA A 259 -7.69 -28.46 21.91
CA ALA A 259 -9.15 -28.42 22.00
C ALA A 259 -9.68 -27.02 22.28
N GLN A 260 -8.82 -26.08 22.68
CA GLN A 260 -9.28 -24.72 22.92
C GLN A 260 -9.80 -24.06 21.65
N ARG A 261 -9.34 -24.52 20.49
CA ARG A 261 -9.75 -23.96 19.20
C ARG A 261 -10.68 -24.88 18.42
N ARG A 262 -10.40 -26.18 18.41
CA ARG A 262 -11.24 -27.12 17.65
C ARG A 262 -12.65 -27.19 18.23
N ARG A 263 -12.76 -27.21 19.56
CA ARG A 263 -14.07 -27.33 20.19
C ARG A 263 -14.95 -26.12 19.88
N ARG A 264 -14.36 -24.93 19.89
CA ARG A 264 -15.14 -23.70 19.60
C ARG A 264 -15.66 -23.76 18.17
N ALA A 265 -14.79 -24.13 17.22
CA ALA A 265 -15.19 -24.18 15.82
C ALA A 265 -16.28 -25.22 15.59
N VAL A 266 -16.13 -26.41 16.19
CA VAL A 266 -17.12 -27.46 15.99
C VAL A 266 -18.45 -27.07 16.64
N GLY A 267 -18.39 -26.40 17.80
CA GLY A 267 -19.62 -25.95 18.44
C GLY A 267 -20.32 -24.87 17.63
N LEU A 268 -19.55 -23.94 17.07
CA LEU A 268 -20.15 -22.90 16.24
C LEU A 268 -20.79 -23.50 14.98
N ALA A 269 -20.11 -24.47 14.36
CA ALA A 269 -20.67 -25.11 13.18
C ALA A 269 -21.95 -25.87 13.52
N VAL A 270 -21.95 -26.62 14.63
CA VAL A 270 -23.14 -27.35 15.03
C VAL A 270 -24.28 -26.39 15.35
N VAL A 271 -23.96 -25.28 16.02
CA VAL A 271 -24.98 -24.30 16.36
C VAL A 271 -25.56 -23.68 15.10
N THR A 272 -24.71 -23.37 14.11
CA THR A 272 -25.20 -22.80 12.86
C THR A 272 -26.12 -23.78 12.13
N LEU A 273 -25.71 -25.04 12.05
CA LEU A 273 -26.54 -26.03 11.37
C LEU A 273 -27.87 -26.23 12.08
N LEU A 274 -27.84 -26.30 13.41
CA LEU A 274 -29.07 -26.45 14.17
C LEU A 274 -29.98 -25.24 14.02
N ASN A 275 -29.39 -24.04 14.03
CA ASN A 275 -30.18 -22.82 13.83
C ASN A 275 -30.86 -22.83 12.47
N PHE A 276 -30.11 -23.19 11.42
CA PHE A 276 -30.68 -23.26 10.09
C PHE A 276 -31.82 -24.27 10.04
N LEU A 277 -31.57 -25.50 10.50
CA LEU A 277 -32.55 -26.57 10.39
C LEU A 277 -33.72 -26.41 11.35
N VAL A 278 -33.61 -25.53 12.35
CA VAL A 278 -34.69 -25.31 13.31
C VAL A 278 -35.53 -24.13 12.84
N CYS A 279 -34.88 -23.14 12.21
CA CYS A 279 -35.61 -21.96 11.79
C CYS A 279 -36.30 -22.15 10.45
N PHE A 280 -35.57 -22.62 9.43
CA PHE A 280 -36.25 -22.98 8.19
C PHE A 280 -36.66 -24.46 8.19
N GLY A 281 -37.22 -24.89 9.32
CA GLY A 281 -37.84 -26.19 9.40
C GLY A 281 -39.36 -26.14 9.37
N PRO A 282 -40.01 -25.34 10.25
CA PRO A 282 -41.45 -25.22 10.25
C PRO A 282 -42.01 -24.71 8.92
N TYR A 283 -41.44 -23.64 8.37
CA TYR A 283 -42.08 -23.04 7.18
C TYR A 283 -42.07 -24.04 6.03
N ASN A 284 -41.00 -24.81 5.96
CA ASN A 284 -40.88 -25.73 4.80
C ASN A 284 -41.65 -27.03 5.05
N VAL A 285 -41.67 -27.53 6.28
CA VAL A 285 -42.46 -28.72 6.56
C VAL A 285 -43.94 -28.39 6.48
N SER A 286 -44.32 -27.14 6.73
CA SER A 286 -45.69 -26.71 6.55
C SER A 286 -46.08 -26.76 5.08
N HIS A 287 -45.14 -26.44 4.20
CA HIS A 287 -45.38 -26.64 2.77
C HIS A 287 -45.83 -28.07 2.49
N LEU A 288 -45.09 -29.05 3.02
CA LEU A 288 -45.40 -30.45 2.75
C LEU A 288 -46.70 -30.90 3.40
N VAL A 289 -46.95 -30.50 4.66
CA VAL A 289 -48.20 -30.89 5.30
C VAL A 289 -49.39 -30.24 4.62
N GLY A 290 -49.22 -29.02 4.11
CA GLY A 290 -50.29 -28.40 3.35
C GLY A 290 -50.54 -29.11 2.03
N TYR A 291 -49.48 -29.57 1.37
CA TYR A 291 -49.65 -30.39 0.17
C TYR A 291 -50.40 -31.67 0.49
N HIS A 292 -50.05 -32.32 1.60
CA HIS A 292 -50.64 -33.61 1.94
C HIS A 292 -52.10 -33.47 2.35
N GLN A 293 -52.40 -32.52 3.24
CA GLN A 293 -53.74 -32.35 3.78
C GLN A 293 -54.61 -31.43 2.95
N ARG A 294 -54.05 -30.82 1.90
CA ARG A 294 -54.82 -29.92 1.01
C ARG A 294 -55.46 -28.80 1.84
N LYS A 295 -54.68 -28.19 2.74
CA LYS A 295 -55.15 -27.07 3.55
C LYS A 295 -53.94 -26.30 4.06
N SER A 296 -54.04 -24.97 4.03
CA SER A 296 -52.93 -24.14 4.46
C SER A 296 -52.74 -24.26 5.97
N PRO A 297 -51.52 -24.58 6.43
CA PRO A 297 -51.29 -24.66 7.88
C PRO A 297 -51.62 -23.34 8.57
N TRP A 298 -52.21 -23.45 9.76
CA TRP A 298 -52.51 -22.27 10.57
C TRP A 298 -51.29 -21.74 11.30
N TRP A 299 -50.23 -22.54 11.42
CA TRP A 299 -49.02 -22.14 12.12
C TRP A 299 -47.93 -21.63 11.18
N ARG A 300 -48.35 -21.19 9.99
CA ARG A 300 -47.39 -20.59 9.04
C ARG A 300 -46.93 -19.26 9.63
N SER A 301 -47.75 -18.64 10.51
CA SER A 301 -47.34 -17.40 11.18
C SER A 301 -46.13 -17.62 12.07
N ILE A 302 -46.19 -18.63 12.94
CA ILE A 302 -45.03 -18.88 13.80
C ILE A 302 -43.88 -19.47 13.00
N ALA A 303 -44.16 -20.16 11.89
CA ALA A 303 -43.08 -20.63 11.04
C ALA A 303 -42.27 -19.47 10.47
N VAL A 304 -42.96 -18.48 9.88
CA VAL A 304 -42.25 -17.30 9.38
C VAL A 304 -41.69 -16.47 10.53
N VAL A 305 -42.27 -16.58 11.73
CA VAL A 305 -41.68 -15.95 12.91
C VAL A 305 -40.31 -16.54 13.19
N PHE A 306 -40.19 -17.87 13.12
CA PHE A 306 -38.89 -18.51 13.28
C PHE A 306 -37.94 -18.10 12.15
N SER A 307 -38.47 -18.00 10.94
CA SER A 307 -37.63 -17.57 9.82
C SER A 307 -37.05 -16.17 10.06
N SER A 308 -37.86 -15.26 10.59
CA SER A 308 -37.35 -13.92 10.92
C SER A 308 -36.45 -13.95 12.15
N LEU A 309 -36.68 -14.90 13.06
CA LEU A 309 -35.81 -15.07 14.21
C LEU A 309 -34.40 -15.42 13.78
N ASN A 310 -34.27 -16.30 12.78
CA ASN A 310 -32.95 -16.64 12.27
C ASN A 310 -32.27 -15.40 11.70
N ALA A 311 -33.02 -14.58 10.96
CA ALA A 311 -32.46 -13.35 10.42
C ALA A 311 -32.02 -12.40 11.52
N SER A 312 -32.79 -12.31 12.59
CA SER A 312 -32.43 -11.43 13.70
C SER A 312 -31.14 -11.88 14.37
N LEU A 313 -30.96 -13.19 14.59
CA LEU A 313 -29.79 -13.66 15.31
C LEU A 313 -28.61 -14.03 14.41
N ASP A 314 -28.75 -13.95 13.09
CA ASP A 314 -27.60 -14.21 12.22
C ASP A 314 -26.43 -13.28 12.49
N PRO A 315 -26.62 -11.95 12.67
CA PRO A 315 -25.47 -11.12 13.05
C PRO A 315 -24.77 -11.60 14.31
N LEU A 316 -25.53 -12.06 15.31
CA LEU A 316 -24.93 -12.54 16.54
C LEU A 316 -24.08 -13.78 16.30
N LEU A 317 -24.55 -14.70 15.48
CA LEU A 317 -23.83 -15.94 15.23
C LEU A 317 -22.60 -15.72 14.35
N PHE A 318 -22.73 -14.89 13.32
CA PHE A 318 -21.66 -14.76 12.32
C PHE A 318 -20.65 -13.67 12.65
N TYR A 319 -21.06 -12.58 13.26
CA TYR A 319 -20.17 -11.45 13.53
C TYR A 319 -19.90 -11.24 15.01
N PHE A 320 -20.94 -11.18 15.84
CA PHE A 320 -20.76 -10.92 17.26
C PHE A 320 -19.98 -12.05 17.93
N SER A 321 -20.25 -13.30 17.56
CA SER A 321 -19.57 -14.43 18.19
C SER A 321 -18.08 -14.45 17.90
N SER A 322 -17.63 -13.82 16.81
CA SER A 322 -16.21 -13.78 16.51
C SER A 322 -15.43 -12.98 17.54
N SER A 323 -15.89 -11.76 17.84
CA SER A 323 -15.20 -10.93 18.83
C SER A 323 -15.37 -11.49 20.24
N VAL A 324 -16.57 -11.97 20.57
CA VAL A 324 -16.84 -12.51 21.89
C VAL A 324 -16.51 -14.00 21.92
N THR B 4 -14.62 17.70 -18.57
CA THR B 4 -13.94 18.19 -17.38
C THR B 4 -12.49 17.68 -17.32
N LEU B 5 -12.23 16.60 -18.04
CA LEU B 5 -10.91 15.98 -18.10
C LEU B 5 -10.33 16.17 -19.49
N SER B 6 -9.05 16.53 -19.55
CA SER B 6 -8.39 16.78 -20.82
C SER B 6 -8.18 15.47 -21.58
N ALA B 7 -7.55 15.57 -22.75
CA ALA B 7 -7.34 14.39 -23.58
C ALA B 7 -6.36 13.42 -22.91
N GLU B 8 -5.20 13.92 -22.48
CA GLU B 8 -4.25 13.06 -21.78
C GLU B 8 -4.57 12.93 -20.30
N ASP B 9 -5.33 13.88 -19.74
CA ASP B 9 -5.81 13.71 -18.38
C ASP B 9 -6.69 12.48 -18.26
N LYS B 10 -7.54 12.25 -19.27
CA LYS B 10 -8.27 10.98 -19.34
C LYS B 10 -7.30 9.82 -19.55
N ALA B 11 -6.28 10.02 -20.39
CA ALA B 11 -5.28 8.97 -20.59
C ALA B 11 -4.44 8.74 -19.35
N ALA B 12 -4.18 9.80 -18.57
CA ALA B 12 -3.45 9.63 -17.32
C ALA B 12 -4.21 8.74 -16.36
N VAL B 13 -5.54 8.93 -16.27
CA VAL B 13 -6.35 8.06 -15.44
C VAL B 13 -6.35 6.64 -16.00
N GLU B 14 -6.34 6.51 -17.33
CA GLU B 14 -6.23 5.19 -17.95
C GLU B 14 -4.92 4.52 -17.59
N ARG B 15 -3.82 5.29 -17.55
CA ARG B 15 -2.54 4.73 -17.14
C ARG B 15 -2.58 4.25 -15.70
N SER B 16 -3.24 5.01 -14.82
CA SER B 16 -3.35 4.61 -13.42
C SER B 16 -4.13 3.30 -13.29
N LYS B 17 -5.17 3.11 -14.09
CA LYS B 17 -5.95 1.88 -14.03
C LYS B 17 -5.09 0.67 -14.40
N MET B 18 -4.24 0.81 -15.42
CA MET B 18 -3.31 -0.26 -15.76
C MET B 18 -2.33 -0.51 -14.61
N ILE B 19 -1.85 0.56 -13.98
CA ILE B 19 -1.00 0.40 -12.80
C ILE B 19 -1.76 -0.27 -11.67
N ASP B 20 -3.02 0.14 -11.46
CA ASP B 20 -3.83 -0.45 -10.40
C ASP B 20 -4.05 -1.93 -10.65
N ARG B 21 -4.28 -2.32 -11.90
CA ARG B 21 -4.50 -3.74 -12.22
C ARG B 21 -3.23 -4.55 -11.96
N ASN B 22 -2.06 -3.99 -12.24
CA ASN B 22 -0.82 -4.71 -11.99
C ASN B 22 -0.57 -4.90 -10.50
N LEU B 23 -0.88 -3.88 -9.70
CA LEU B 23 -0.70 -3.99 -8.25
C LEU B 23 -1.63 -5.06 -7.67
N ARG B 24 -2.89 -5.06 -8.11
CA ARG B 24 -3.83 -6.08 -7.63
C ARG B 24 -3.42 -7.47 -8.10
N GLU B 25 -2.98 -7.59 -9.36
CA GLU B 25 -2.52 -8.88 -9.86
C GLU B 25 -1.29 -9.37 -9.11
N ASP B 26 -0.34 -8.46 -8.85
CA ASP B 26 0.85 -8.83 -8.10
C ASP B 26 0.55 -9.00 -6.61
N GLY B 27 -0.37 -8.21 -6.07
CA GLY B 27 -0.75 -8.37 -4.68
C GLY B 27 -1.46 -9.69 -4.41
N GLU B 28 -2.30 -10.13 -5.35
CA GLU B 28 -2.96 -11.42 -5.20
C GLU B 28 -1.95 -12.56 -5.23
N LYS B 29 -0.94 -12.46 -6.09
CA LYS B 29 0.10 -13.48 -6.16
C LYS B 29 0.90 -13.51 -4.85
N ALA B 30 1.17 -12.34 -4.27
CA ALA B 30 1.89 -12.30 -3.00
C ALA B 30 1.06 -12.92 -1.87
N ALA B 31 -0.26 -12.76 -1.91
CA ALA B 31 -1.12 -13.38 -0.92
C ALA B 31 -1.24 -14.89 -1.11
N ARG B 32 -0.76 -15.42 -2.23
CA ARG B 32 -0.73 -16.86 -2.48
C ARG B 32 0.59 -17.49 -2.08
N GLU B 33 1.38 -16.83 -1.25
CA GLU B 33 2.71 -17.27 -0.89
C GLU B 33 2.85 -17.31 0.62
N VAL B 34 3.71 -18.21 1.10
CA VAL B 34 3.95 -18.39 2.53
C VAL B 34 5.30 -17.76 2.87
N LYS B 35 5.29 -16.85 3.84
CA LYS B 35 6.50 -16.16 4.27
C LYS B 35 6.96 -16.79 5.58
N LEU B 36 8.09 -17.47 5.54
CA LEU B 36 8.62 -18.21 6.69
C LEU B 36 9.87 -17.50 7.20
N LEU B 37 9.71 -16.72 8.27
CA LEU B 37 10.86 -16.09 8.91
C LEU B 37 11.69 -17.15 9.63
N LEU B 38 13.01 -17.00 9.56
CA LEU B 38 13.94 -17.96 10.17
C LEU B 38 14.83 -17.20 11.15
N LEU B 39 14.49 -17.28 12.44
CA LEU B 39 15.28 -16.65 13.50
C LEU B 39 16.17 -17.70 14.14
N GLY B 40 17.28 -17.99 13.47
CA GLY B 40 18.24 -18.94 13.99
C GLY B 40 19.05 -18.36 15.15
N ALA B 41 19.66 -19.27 15.90
CA ALA B 41 20.50 -18.89 17.02
C ALA B 41 21.96 -18.76 16.55
N GLY B 42 22.88 -18.63 17.50
CA GLY B 42 24.28 -18.50 17.16
C GLY B 42 24.94 -19.83 16.84
N GLU B 43 25.22 -20.04 15.55
CA GLU B 43 25.83 -21.28 15.07
C GLU B 43 25.00 -22.50 15.46
N SER B 44 23.68 -22.34 15.45
CA SER B 44 22.76 -23.41 15.78
C SER B 44 21.91 -23.82 14.58
N GLY B 45 21.21 -22.87 13.97
CA GLY B 45 20.40 -23.15 12.80
C GLY B 45 20.64 -22.17 11.68
N LYS B 46 19.70 -22.10 10.74
CA LYS B 46 19.74 -21.22 9.57
C LYS B 46 20.95 -21.48 8.67
N ASN B 47 21.67 -22.58 8.88
CA ASN B 47 22.81 -22.91 8.04
C ASN B 47 22.66 -24.32 7.50
N THR B 48 21.98 -25.19 8.24
CA THR B 48 21.75 -26.56 7.83
C THR B 48 20.34 -26.76 7.26
N ILE B 49 19.32 -26.25 7.96
CA ILE B 49 17.96 -26.44 7.50
C ILE B 49 17.69 -25.65 6.22
N VAL B 50 18.41 -24.53 6.02
CA VAL B 50 18.17 -23.71 4.84
C VAL B 50 18.39 -24.52 3.57
N LYS B 51 19.41 -25.39 3.57
CA LYS B 51 19.60 -26.31 2.46
C LYS B 51 18.59 -27.44 2.48
N GLN B 52 18.02 -27.74 3.65
CA GLN B 52 17.08 -28.86 3.75
C GLN B 52 15.83 -28.62 2.92
N MET B 53 15.26 -27.42 2.99
CA MET B 53 14.16 -27.03 2.11
C MET B 53 14.73 -26.43 0.82
N LYS B 54 15.39 -27.29 0.05
CA LYS B 54 15.90 -26.96 -1.28
C LYS B 54 16.72 -25.68 -1.31
N THR B 182 23.86 -9.69 1.75
CA THR B 182 24.51 -9.50 3.03
C THR B 182 23.49 -9.61 4.15
N GLY B 183 22.33 -8.98 3.97
CA GLY B 183 21.28 -9.01 4.97
C GLY B 183 20.25 -10.09 4.70
N ILE B 184 19.06 -9.69 4.28
CA ILE B 184 18.00 -10.65 3.97
C ILE B 184 18.44 -11.53 2.82
N VAL B 185 18.34 -12.84 3.02
CA VAL B 185 18.62 -13.83 1.98
C VAL B 185 17.37 -14.70 1.84
N GLU B 186 16.49 -14.31 0.93
CA GLU B 186 15.23 -15.01 0.74
C GLU B 186 15.46 -16.30 -0.02
N THR B 187 15.09 -17.42 0.58
CA THR B 187 15.20 -18.74 -0.03
C THR B 187 13.82 -19.21 -0.42
N HIS B 188 13.66 -19.58 -1.69
CA HIS B 188 12.38 -20.00 -2.23
C HIS B 188 12.41 -21.48 -2.56
N PHE B 189 11.44 -22.22 -2.03
CA PHE B 189 11.28 -23.64 -2.34
C PHE B 189 9.80 -23.95 -2.45
N THR B 190 9.45 -24.77 -3.44
CA THR B 190 8.07 -25.15 -3.70
C THR B 190 7.85 -26.59 -3.27
N PHE B 191 6.84 -26.79 -2.42
CA PHE B 191 6.44 -28.12 -1.98
C PHE B 191 4.93 -28.24 -2.02
N LYS B 192 4.44 -29.33 -2.61
CA LYS B 192 3.00 -29.58 -2.73
C LYS B 192 2.28 -28.42 -3.38
N ASP B 193 2.86 -27.89 -4.45
CA ASP B 193 2.32 -26.78 -5.23
C ASP B 193 2.18 -25.50 -4.40
N LEU B 194 2.90 -25.40 -3.29
CA LEU B 194 2.92 -24.21 -2.46
C LEU B 194 4.32 -23.60 -2.49
N HIS B 195 4.40 -22.31 -2.79
CA HIS B 195 5.68 -21.62 -2.94
C HIS B 195 5.99 -20.88 -1.65
N PHE B 196 6.96 -21.39 -0.90
CA PHE B 196 7.36 -20.79 0.37
C PHE B 196 8.48 -19.79 0.14
N LYS B 197 8.45 -18.69 0.89
CA LYS B 197 9.54 -17.73 0.94
C LYS B 197 10.14 -17.76 2.34
N MET B 198 11.45 -18.02 2.41
CA MET B 198 12.14 -18.21 3.69
C MET B 198 13.23 -17.16 3.80
N PHE B 199 13.08 -16.27 4.78
CA PHE B 199 14.04 -15.19 5.01
C PHE B 199 14.93 -15.56 6.19
N ASP B 200 16.24 -15.57 5.96
CA ASP B 200 17.22 -15.87 7.00
C ASP B 200 17.89 -14.57 7.40
N VAL B 201 17.30 -13.90 8.40
CA VAL B 201 17.81 -12.60 8.85
C VAL B 201 18.93 -12.74 9.86
N GLY B 202 19.36 -13.96 10.17
CA GLY B 202 20.41 -14.18 11.16
C GLY B 202 21.72 -13.53 10.80
N ALA B 203 21.92 -13.21 9.51
CA ALA B 203 23.14 -12.54 9.09
C ALA B 203 23.24 -11.15 9.70
N GLN B 204 22.12 -10.42 9.78
CA GLN B 204 22.13 -9.09 10.37
C GLN B 204 22.49 -9.16 11.85
N ARG B 205 23.28 -8.18 12.30
CA ARG B 205 23.71 -8.12 13.69
C ARG B 205 23.29 -6.81 14.36
N SER B 206 22.30 -6.11 13.80
CA SER B 206 21.83 -4.86 14.36
C SER B 206 20.82 -5.14 15.47
N GLU B 207 20.14 -4.10 15.93
CA GLU B 207 19.14 -4.25 16.98
C GLU B 207 17.91 -4.96 16.42
N ARG B 208 17.57 -6.11 17.02
CA ARG B 208 16.46 -6.90 16.52
C ARG B 208 15.13 -6.17 16.66
N LYS B 209 14.95 -5.40 17.74
CA LYS B 209 13.66 -4.79 18.02
C LYS B 209 13.30 -3.69 17.01
N LYS B 210 14.27 -3.11 16.32
CA LYS B 210 14.02 -1.97 15.46
C LYS B 210 13.62 -2.35 14.04
N TRP B 211 13.73 -3.63 13.67
CA TRP B 211 13.28 -4.11 12.37
C TRP B 211 12.44 -5.37 12.44
N ILE B 212 12.13 -5.86 13.64
CA ILE B 212 11.31 -7.07 13.76
C ILE B 212 9.87 -6.82 13.33
N HIS B 213 9.43 -5.55 13.30
CA HIS B 213 8.06 -5.26 12.87
C HIS B 213 7.90 -5.42 11.36
N CYS B 214 9.00 -5.45 10.61
CA CYS B 214 8.90 -5.65 9.17
C CYS B 214 8.34 -7.04 8.84
N PHE B 215 8.58 -8.01 9.70
CA PHE B 215 8.10 -9.37 9.50
C PHE B 215 6.74 -9.63 10.14
N GLU B 216 6.10 -8.60 10.68
CA GLU B 216 4.77 -8.76 11.25
C GLU B 216 3.79 -9.20 10.17
N GLY B 217 3.18 -10.37 10.35
CA GLY B 217 2.26 -10.92 9.38
C GLY B 217 2.77 -12.16 8.66
N VAL B 218 3.95 -12.66 9.01
CA VAL B 218 4.44 -13.89 8.40
C VAL B 218 3.58 -15.07 8.85
N THR B 219 3.47 -16.08 7.98
CA THR B 219 2.68 -17.25 8.31
C THR B 219 3.24 -17.98 9.52
N ALA B 220 4.55 -18.15 9.58
CA ALA B 220 5.18 -18.86 10.69
C ALA B 220 6.59 -18.32 10.88
N ILE B 221 7.16 -18.63 12.03
CA ILE B 221 8.49 -18.19 12.41
C ILE B 221 9.30 -19.44 12.74
N ILE B 222 10.10 -19.90 11.77
CA ILE B 222 10.90 -21.11 11.96
C ILE B 222 12.07 -20.81 12.87
N PHE B 223 11.97 -21.22 14.13
CA PHE B 223 13.04 -21.06 15.10
C PHE B 223 13.93 -22.30 15.10
N CYS B 224 15.18 -22.13 15.53
CA CYS B 224 16.14 -23.22 15.57
C CYS B 224 16.97 -23.12 16.83
N VAL B 225 17.11 -24.24 17.53
CA VAL B 225 17.95 -24.33 18.73
C VAL B 225 18.77 -25.61 18.63
N ALA B 226 20.09 -25.48 18.73
CA ALA B 226 20.96 -26.64 18.68
C ALA B 226 20.85 -27.44 19.98
N LEU B 227 20.88 -28.76 19.85
CA LEU B 227 20.80 -29.65 21.00
C LEU B 227 22.17 -29.92 21.62
N SER B 228 23.25 -29.47 20.98
CA SER B 228 24.60 -29.64 21.51
C SER B 228 25.05 -28.47 22.36
N ASP B 229 24.20 -27.45 22.54
CA ASP B 229 24.54 -26.27 23.32
C ASP B 229 24.14 -26.39 24.78
N TYR B 230 23.60 -27.53 25.20
CA TYR B 230 23.20 -27.70 26.60
C TYR B 230 24.41 -27.62 27.53
N ASP B 231 25.52 -28.26 27.15
CA ASP B 231 26.71 -28.29 27.98
C ASP B 231 27.75 -27.25 27.56
N LEU B 232 27.83 -26.92 26.27
CA LEU B 232 28.82 -25.98 25.78
C LEU B 232 28.45 -24.56 26.25
N VAL B 233 29.41 -23.85 26.80
CA VAL B 233 29.18 -22.47 27.23
C VAL B 233 29.45 -21.53 26.07
N LEU B 234 28.80 -20.36 26.12
CA LEU B 234 28.98 -19.33 25.10
C LEU B 234 30.43 -18.87 25.07
N ALA B 235 31.08 -18.95 23.90
CA ALA B 235 32.48 -18.57 23.79
C ALA B 235 32.67 -17.09 24.08
N GLU B 236 31.80 -16.24 23.53
CA GLU B 236 31.93 -14.80 23.73
C GLU B 236 31.61 -14.41 25.17
N ASP B 237 30.49 -14.90 25.70
CA ASP B 237 30.08 -14.51 27.04
C ASP B 237 30.92 -15.19 28.12
N GLU B 238 31.22 -16.48 27.96
CA GLU B 238 32.02 -17.26 28.90
C GLU B 238 31.38 -17.31 30.29
N GLU B 239 30.12 -16.92 30.41
CA GLU B 239 29.41 -16.95 31.69
C GLU B 239 28.26 -17.93 31.65
N MET B 240 27.35 -17.76 30.70
CA MET B 240 26.20 -18.65 30.57
C MET B 240 26.32 -19.52 29.33
N ASN B 241 25.73 -20.71 29.40
CA ASN B 241 25.78 -21.64 28.28
C ASN B 241 24.96 -21.12 27.10
N ARG B 242 25.31 -21.60 25.90
CA ARG B 242 24.69 -21.15 24.67
C ARG B 242 23.20 -21.46 24.63
N MET B 243 22.79 -22.56 25.25
CA MET B 243 21.38 -22.97 25.20
C MET B 243 20.49 -21.94 25.89
N HIS B 244 20.93 -21.41 27.03
CA HIS B 244 20.13 -20.40 27.72
C HIS B 244 20.01 -19.12 26.90
N ALA B 245 21.05 -18.77 26.15
CA ALA B 245 20.98 -17.61 25.27
C ALA B 245 19.91 -17.80 24.19
N SER B 246 19.84 -19.00 23.63
CA SER B 246 18.78 -19.30 22.68
C SER B 246 17.41 -19.23 23.35
N MET B 247 17.30 -19.76 24.57
CA MET B 247 16.04 -19.68 25.30
C MET B 247 15.68 -18.23 25.60
N LYS B 248 16.67 -17.42 25.99
CA LYS B 248 16.41 -15.99 26.19
C LYS B 248 15.99 -15.33 24.89
N LEU B 249 16.66 -15.67 23.79
CA LEU B 249 16.25 -15.16 22.48
C LEU B 249 14.86 -15.66 22.11
N PHE B 250 14.59 -16.95 22.37
CA PHE B 250 13.26 -17.51 22.11
C PHE B 250 12.20 -16.83 22.96
N ASP B 251 12.56 -16.47 24.20
CA ASP B 251 11.59 -15.84 25.10
C ASP B 251 11.09 -14.52 24.54
N SER B 252 12.01 -13.69 24.04
CA SER B 252 11.61 -12.40 23.49
C SER B 252 10.75 -12.56 22.24
N ILE B 253 11.10 -13.52 21.39
CA ILE B 253 10.37 -13.72 20.14
C ILE B 253 8.98 -14.30 20.43
N CYS B 254 8.89 -15.24 21.37
CA CYS B 254 7.65 -15.98 21.57
C CYS B 254 6.52 -15.06 22.04
N ASN B 255 6.81 -14.16 22.98
CA ASN B 255 5.79 -13.28 23.52
C ASN B 255 5.98 -11.83 23.08
N ASN B 256 6.53 -11.63 21.88
CA ASN B 256 6.66 -10.29 21.34
C ASN B 256 5.28 -9.71 21.03
N LYS B 257 5.18 -8.38 21.09
CA LYS B 257 3.88 -7.73 20.89
C LYS B 257 3.35 -7.97 19.48
N TRP B 258 4.22 -7.91 18.47
CA TRP B 258 3.79 -8.14 17.10
C TRP B 258 3.60 -9.63 16.81
N PHE B 259 4.43 -10.48 17.40
CA PHE B 259 4.35 -11.92 17.17
C PHE B 259 3.49 -12.60 18.23
N THR B 260 2.19 -12.27 18.20
CA THR B 260 1.21 -12.91 19.06
C THR B 260 0.35 -13.93 18.31
N ASP B 261 0.07 -13.68 17.04
CA ASP B 261 -0.75 -14.59 16.24
C ASP B 261 0.10 -15.58 15.44
N THR B 262 1.27 -15.15 14.96
CA THR B 262 2.11 -16.01 14.14
C THR B 262 2.65 -17.17 14.98
N SER B 263 2.60 -18.37 14.42
CA SER B 263 3.09 -19.56 15.11
C SER B 263 4.61 -19.58 15.11
N ILE B 264 5.18 -20.63 15.70
CA ILE B 264 6.63 -20.81 15.79
C ILE B 264 6.91 -22.28 15.52
N ILE B 265 7.57 -22.57 14.40
CA ILE B 265 7.94 -23.94 14.05
C ILE B 265 9.33 -24.17 14.66
N LEU B 266 9.33 -24.56 15.94
CA LEU B 266 10.57 -24.81 16.64
C LEU B 266 11.27 -26.04 16.07
N PHE B 267 12.59 -25.96 15.94
CA PHE B 267 13.39 -27.04 15.38
C PHE B 267 14.57 -27.32 16.30
N LEU B 268 14.66 -28.56 16.78
CA LEU B 268 15.83 -29.02 17.52
C LEU B 268 16.72 -29.81 16.57
N ASN B 269 17.69 -29.13 15.97
CA ASN B 269 18.57 -29.75 15.00
C ASN B 269 19.83 -30.26 15.69
N LYS B 270 20.65 -31.00 14.93
CA LYS B 270 21.90 -31.58 15.43
C LYS B 270 21.67 -32.44 16.67
N LYS B 271 20.57 -33.20 16.66
CA LYS B 271 20.27 -34.09 17.77
C LYS B 271 21.11 -35.36 17.73
N ASP B 272 21.75 -35.66 16.59
CA ASP B 272 22.63 -36.83 16.53
C ASP B 272 23.83 -36.66 17.47
N LEU B 273 24.39 -35.45 17.53
CA LEU B 273 25.45 -35.18 18.50
C LEU B 273 24.93 -35.23 19.92
N PHE B 274 23.67 -34.85 20.13
CA PHE B 274 23.09 -34.89 21.47
C PHE B 274 22.88 -36.32 21.94
N GLU B 275 22.88 -37.29 21.02
CA GLU B 275 22.63 -38.69 21.39
C GLU B 275 23.68 -39.21 22.36
N GLU B 276 24.96 -39.00 22.03
CA GLU B 276 26.03 -39.46 22.91
C GLU B 276 26.51 -38.37 23.86
N LYS B 277 26.22 -37.11 23.57
CA LYS B 277 26.60 -36.03 24.45
C LYS B 277 25.87 -36.11 25.79
N ILE B 278 24.59 -36.48 25.75
CA ILE B 278 23.82 -36.56 27.00
C ILE B 278 24.34 -37.68 27.89
N LYS B 279 24.80 -38.78 27.30
CA LYS B 279 25.33 -39.88 28.11
C LYS B 279 26.66 -39.49 28.77
N LYS B 280 27.57 -38.91 27.99
CA LYS B 280 28.87 -38.51 28.55
C LYS B 280 28.74 -37.29 29.45
N SER B 281 27.99 -36.28 29.00
CA SER B 281 27.80 -35.05 29.75
C SER B 281 26.39 -35.00 30.30
N PRO B 282 26.20 -35.04 31.61
CA PRO B 282 24.86 -34.99 32.18
C PRO B 282 24.18 -33.65 31.92
N LEU B 283 22.85 -33.68 31.88
CA LEU B 283 22.04 -32.49 31.66
C LEU B 283 22.02 -31.57 32.86
N THR B 284 22.56 -32.00 34.00
CA THR B 284 22.58 -31.15 35.20
C THR B 284 23.43 -29.90 35.01
N ILE B 285 24.30 -29.89 34.02
CA ILE B 285 25.10 -28.69 33.74
C ILE B 285 24.21 -27.53 33.36
N CYS B 286 23.23 -27.77 32.50
CA CYS B 286 22.29 -26.74 32.07
C CYS B 286 21.04 -26.67 32.95
N TYR B 287 20.44 -27.81 33.28
CA TYR B 287 19.24 -27.87 34.11
C TYR B 287 19.45 -28.89 35.22
N PRO B 288 20.04 -28.47 36.34
CA PRO B 288 20.21 -29.39 37.47
C PRO B 288 18.90 -29.89 38.06
N GLU B 289 17.78 -29.18 37.84
CA GLU B 289 16.49 -29.64 38.32
C GLU B 289 16.01 -30.89 37.60
N TYR B 290 16.62 -31.24 36.47
CA TYR B 290 16.21 -32.40 35.70
C TYR B 290 16.40 -33.69 36.49
N ALA B 291 15.28 -34.31 36.89
CA ALA B 291 15.31 -35.54 37.69
C ALA B 291 15.09 -36.73 36.75
N GLY B 292 16.15 -37.10 36.03
CA GLY B 292 16.07 -38.20 35.10
C GLY B 292 17.44 -38.79 34.86
N SER B 293 17.43 -39.97 34.23
CA SER B 293 18.66 -40.69 33.92
C SER B 293 19.27 -40.13 32.64
N ASN B 294 20.28 -40.83 32.11
CA ASN B 294 20.96 -40.43 30.90
C ASN B 294 20.20 -40.79 29.63
N THR B 295 18.98 -41.32 29.75
CA THR B 295 18.19 -41.67 28.58
C THR B 295 17.90 -40.43 27.74
N TYR B 296 18.09 -40.54 26.43
CA TYR B 296 17.86 -39.37 25.54
C TYR B 296 16.38 -38.98 25.58
N GLU B 297 15.48 -39.95 25.48
CA GLU B 297 14.06 -39.61 25.39
C GLU B 297 13.58 -38.87 26.62
N GLU B 298 14.02 -39.28 27.81
CA GLU B 298 13.63 -38.59 29.03
C GLU B 298 14.19 -37.17 29.07
N ALA B 299 15.43 -37.00 28.65
CA ALA B 299 16.05 -35.67 28.67
C ALA B 299 15.49 -34.79 27.56
N ALA B 300 15.26 -35.36 26.37
CA ALA B 300 14.76 -34.57 25.26
C ALA B 300 13.36 -34.03 25.54
N ALA B 301 12.51 -34.83 26.20
CA ALA B 301 11.18 -34.36 26.54
C ALA B 301 11.22 -33.13 27.43
N TYR B 302 12.20 -33.07 28.35
CA TYR B 302 12.35 -31.87 29.18
C TYR B 302 12.74 -30.67 28.33
N ILE B 303 13.59 -30.89 27.32
CA ILE B 303 13.97 -29.81 26.42
C ILE B 303 12.73 -29.26 25.70
N GLN B 304 11.86 -30.16 25.24
CA GLN B 304 10.59 -29.72 24.66
C GLN B 304 9.76 -28.96 25.69
N CYS B 305 9.67 -29.48 26.91
CA CYS B 305 8.84 -28.86 27.93
C CYS B 305 9.42 -27.54 28.42
N GLN B 306 10.72 -27.31 28.20
CA GLN B 306 11.36 -26.10 28.70
C GLN B 306 11.17 -24.90 27.77
N PHE B 307 10.61 -25.10 26.58
CA PHE B 307 10.38 -24.00 25.64
C PHE B 307 8.92 -23.60 25.54
N GLU B 308 8.00 -24.52 25.80
CA GLU B 308 6.58 -24.19 25.68
C GLU B 308 6.14 -23.20 26.74
N ASP B 309 6.73 -23.27 27.94
CA ASP B 309 6.31 -22.40 29.03
C ASP B 309 6.57 -20.94 28.72
N LEU B 310 7.60 -20.65 27.91
CA LEU B 310 7.92 -19.27 27.58
C LEU B 310 6.82 -18.62 26.76
N ASN B 311 5.98 -19.43 26.11
CA ASN B 311 4.86 -18.89 25.34
C ASN B 311 3.81 -18.39 26.31
N LYS B 312 3.53 -17.09 26.27
CA LYS B 312 2.54 -16.49 27.16
C LYS B 312 1.15 -16.50 26.53
N ARG B 313 1.03 -16.08 25.27
CA ARG B 313 -0.24 -16.05 24.56
C ARG B 313 -0.53 -17.46 24.05
N LYS B 314 -1.01 -18.32 24.96
CA LYS B 314 -1.33 -19.69 24.64
C LYS B 314 -2.71 -19.85 24.00
N ASP B 315 -3.48 -18.78 23.91
CA ASP B 315 -4.81 -18.83 23.31
C ASP B 315 -4.84 -18.32 21.87
N THR B 316 -3.72 -17.84 21.33
CA THR B 316 -3.68 -17.34 19.97
C THR B 316 -2.42 -17.79 19.22
N LYS B 317 -1.65 -18.72 19.78
CA LYS B 317 -0.41 -19.15 19.15
C LYS B 317 -0.01 -20.50 19.73
N GLU B 318 0.27 -21.46 18.85
CA GLU B 318 0.74 -22.78 19.25
C GLU B 318 2.01 -23.09 18.47
N ILE B 319 3.04 -23.54 19.19
CA ILE B 319 4.33 -23.86 18.58
C ILE B 319 4.35 -25.35 18.24
N TYR B 320 4.88 -25.69 17.07
CA TYR B 320 4.97 -27.06 16.61
C TYR B 320 6.42 -27.52 16.74
N THR B 321 6.78 -27.95 17.95
CA THR B 321 8.12 -28.44 18.20
C THR B 321 8.35 -29.75 17.44
N HIS B 322 9.58 -29.93 16.96
CA HIS B 322 9.92 -31.11 16.16
C HIS B 322 11.42 -31.35 16.26
N PHE B 323 11.81 -32.43 16.93
CA PHE B 323 13.20 -32.85 16.92
C PHE B 323 13.56 -33.43 15.56
N THR B 324 14.67 -32.96 14.98
CA THR B 324 15.08 -33.38 13.65
C THR B 324 16.57 -33.67 13.64
N CYS B 325 16.96 -34.59 12.76
CA CYS B 325 18.36 -34.97 12.58
C CYS B 325 18.97 -34.12 11.47
N SER B 326 20.16 -34.52 11.00
CA SER B 326 20.83 -33.84 9.90
C SER B 326 20.56 -34.48 8.55
N THR B 327 20.49 -35.81 8.48
CA THR B 327 20.30 -36.49 7.20
C THR B 327 18.83 -36.72 6.85
N ASP B 328 17.91 -36.48 7.79
CA ASP B 328 16.50 -36.73 7.53
C ASP B 328 15.96 -35.73 6.50
N THR B 329 15.11 -36.25 5.60
CA THR B 329 14.48 -35.43 4.58
C THR B 329 13.07 -35.01 4.94
N LYS B 330 12.61 -35.29 6.16
CA LYS B 330 11.27 -34.94 6.59
C LYS B 330 11.16 -33.51 7.10
N ASN B 331 12.23 -32.73 7.02
CA ASN B 331 12.17 -31.34 7.47
C ASN B 331 11.19 -30.54 6.63
N VAL B 332 11.20 -30.75 5.31
CA VAL B 332 10.29 -30.01 4.43
C VAL B 332 8.84 -30.37 4.72
N GLN B 333 8.57 -31.66 4.91
CA GLN B 333 7.19 -32.11 5.10
C GLN B 333 6.57 -31.54 6.38
N PHE B 334 7.33 -31.49 7.46
CA PHE B 334 6.79 -30.98 8.72
C PHE B 334 6.45 -29.50 8.61
N VAL B 335 7.30 -28.72 7.93
CA VAL B 335 7.03 -27.30 7.77
C VAL B 335 5.73 -27.10 7.00
N PHE B 336 5.51 -27.89 5.95
CA PHE B 336 4.27 -27.80 5.19
C PHE B 336 3.07 -28.17 6.07
N ASP B 337 3.21 -29.19 6.92
CA ASP B 337 2.12 -29.55 7.82
C ASP B 337 1.86 -28.45 8.85
N ALA B 338 2.93 -27.85 9.38
CA ALA B 338 2.75 -26.77 10.36
C ALA B 338 2.19 -25.53 9.70
N VAL B 339 2.59 -25.24 8.46
CA VAL B 339 2.03 -24.09 7.75
C VAL B 339 0.56 -24.34 7.42
N THR B 340 0.22 -25.58 7.08
CA THR B 340 -1.18 -25.91 6.78
C THR B 340 -2.08 -25.62 7.97
N ASP B 341 -1.59 -25.88 9.18
CA ASP B 341 -2.36 -25.54 10.38
C ASP B 341 -2.58 -24.04 10.48
N VAL B 342 -1.58 -23.24 10.11
CA VAL B 342 -1.75 -21.79 10.10
C VAL B 342 -2.74 -21.37 9.02
N ILE B 343 -2.70 -22.05 7.86
CA ILE B 343 -3.64 -21.74 6.79
C ILE B 343 -5.06 -22.03 7.23
N ILE B 344 -5.27 -23.16 7.90
CA ILE B 344 -6.60 -23.50 8.40
C ILE B 344 -7.09 -22.46 9.40
N LYS B 345 -6.21 -22.03 10.31
CA LYS B 345 -6.59 -21.01 11.28
C LYS B 345 -6.93 -19.70 10.60
N ASN B 346 -6.15 -19.30 9.59
CA ASN B 346 -6.46 -18.09 8.84
C ASN B 346 -7.77 -18.22 8.09
N ASN B 347 -8.04 -19.40 7.51
CA ASN B 347 -9.31 -19.62 6.83
C ASN B 347 -10.47 -19.57 7.82
N LEU B 348 -10.25 -20.04 9.05
CA LEU B 348 -11.31 -20.00 10.06
C LEU B 348 -11.69 -18.56 10.40
N LYS B 349 -10.69 -17.69 10.50
CA LYS B 349 -10.95 -16.26 10.84
C LYS B 349 -11.81 -15.65 9.73
N ASP B 350 -11.52 -15.96 8.47
CA ASP B 350 -12.31 -15.42 7.34
C ASP B 350 -13.75 -15.92 7.41
N CYS B 351 -13.96 -17.22 7.59
CA CYS B 351 -15.34 -17.80 7.56
C CYS B 351 -16.14 -17.35 8.79
N GLY B 352 -15.51 -16.63 9.73
CA GLY B 352 -16.25 -16.10 10.89
C GLY B 352 -16.24 -17.05 12.08
N LEU B 353 -15.76 -18.27 11.90
CA LEU B 353 -15.66 -19.23 13.03
C LEU B 353 -14.77 -19.33 14.28
N PHE B 354 -13.45 -19.41 14.11
CA PHE B 354 -12.53 -19.50 15.27
C PHE B 354 -12.86 -18.37 16.26
N GLU C 13 46.46 4.51 31.33
CA GLU C 13 46.17 5.48 30.25
C GLU C 13 44.65 5.54 30.02
N LEU C 14 44.01 4.38 29.84
CA LEU C 14 42.55 4.34 29.63
C LEU C 14 41.86 5.00 30.83
N ASP C 15 42.30 4.66 32.05
CA ASP C 15 41.73 5.29 33.27
C ASP C 15 41.79 6.81 33.12
N GLN C 16 42.94 7.35 32.72
CA GLN C 16 43.09 8.82 32.55
C GLN C 16 42.16 9.29 31.43
N LEU C 17 42.14 8.58 30.31
CA LEU C 17 41.28 8.98 29.15
C LEU C 17 39.81 8.93 29.60
N ARG C 18 39.42 7.85 30.29
CA ARG C 18 38.01 7.72 30.77
C ARG C 18 37.69 8.90 31.68
N GLN C 19 38.61 9.24 32.60
CA GLN C 19 38.40 10.40 33.49
C GLN C 19 38.31 11.67 32.62
N GLU C 20 39.27 11.85 31.72
CA GLU C 20 39.27 13.03 30.86
C GLU C 20 37.95 13.17 30.11
N ALA C 21 37.40 12.05 29.63
CA ALA C 21 36.13 12.09 28.92
C ALA C 21 35.01 12.56 29.84
N GLU C 22 34.99 12.08 31.09
CA GLU C 22 33.98 12.53 32.04
C GLU C 22 34.14 14.01 32.34
N GLN C 23 35.38 14.49 32.47
CA GLN C 23 35.61 15.91 32.69
C GLN C 23 35.13 16.74 31.49
N LEU C 24 35.39 16.25 30.28
CA LEU C 24 34.92 16.96 29.09
C LEU C 24 33.39 17.01 29.05
N LYS C 25 32.74 15.92 29.44
CA LYS C 25 31.28 15.91 29.49
C LYS C 25 30.77 16.92 30.51
N ASN C 26 31.43 17.02 31.66
CA ASN C 26 31.05 18.03 32.65
C ASN C 26 31.32 19.44 32.15
N GLN C 27 32.40 19.64 31.40
CA GLN C 27 32.73 20.97 30.90
C GLN C 27 31.65 21.50 29.97
N ILE C 28 31.18 20.66 29.03
CA ILE C 28 30.13 21.10 28.13
C ILE C 28 28.81 21.24 28.88
N ARG C 29 28.58 20.44 29.92
CA ARG C 29 27.37 20.58 30.72
C ARG C 29 27.31 21.93 31.41
N ASP C 30 28.43 22.38 31.97
CA ASP C 30 28.48 23.70 32.60
C ASP C 30 28.25 24.81 31.59
N ALA C 31 28.85 24.68 30.40
CA ALA C 31 28.65 25.69 29.36
C ALA C 31 27.20 25.75 28.91
N ARG C 32 26.56 24.60 28.75
CA ARG C 32 25.15 24.59 28.37
C ARG C 32 24.29 25.19 29.48
N LYS C 33 24.58 24.85 30.74
CA LYS C 33 23.84 25.42 31.86
C LYS C 33 24.04 26.93 31.96
N ALA C 34 25.27 27.39 31.76
CA ALA C 34 25.56 28.83 31.82
C ALA C 34 24.83 29.58 30.71
N CYS C 35 24.82 29.02 29.51
CA CYS C 35 24.14 29.67 28.38
C CYS C 35 22.63 29.54 28.44
N ALA C 36 22.10 28.67 29.31
CA ALA C 36 20.65 28.48 29.44
C ALA C 36 20.08 29.64 30.25
N ASP C 37 19.82 30.75 29.54
CA ASP C 37 19.23 31.92 30.18
C ASP C 37 17.82 31.63 30.67
N ALA C 38 16.98 31.08 29.81
CA ALA C 38 15.61 30.74 30.17
C ALA C 38 15.07 29.74 29.17
N THR C 39 14.01 29.03 29.59
CA THR C 39 13.35 28.09 28.70
C THR C 39 12.55 28.82 27.64
N LEU C 40 12.30 28.14 26.52
CA LEU C 40 11.52 28.73 25.44
C LEU C 40 10.08 29.00 25.88
N SER C 41 9.57 28.24 26.84
CA SER C 41 8.22 28.47 27.33
C SER C 41 8.10 29.84 28.00
N GLN C 42 9.10 30.21 28.79
CA GLN C 42 9.02 31.47 29.54
C GLN C 42 9.10 32.68 28.62
N ILE C 43 10.06 32.68 27.71
CA ILE C 43 10.25 33.85 26.84
C ILE C 43 9.10 33.97 25.84
N THR C 44 8.71 32.86 25.23
CA THR C 44 7.62 32.86 24.25
C THR C 44 6.31 32.45 24.91
N ASN C 45 5.87 33.28 25.85
CA ASN C 45 4.61 33.08 26.55
C ASN C 45 3.55 34.10 26.20
N ASN C 46 3.94 35.31 25.79
CA ASN C 46 2.98 36.33 25.41
C ASN C 46 2.33 36.05 24.07
N ILE C 47 2.95 35.21 23.25
CA ILE C 47 2.39 34.90 21.93
C ILE C 47 1.10 34.11 22.08
N ASP C 48 0.17 34.35 21.18
CA ASP C 48 -1.11 33.66 21.20
C ASP C 48 -0.97 32.23 20.71
N PRO C 49 -1.90 31.34 21.08
CA PRO C 49 -1.86 29.97 20.57
C PRO C 49 -2.33 29.91 19.13
N VAL C 50 -1.89 28.87 18.43
CA VAL C 50 -2.29 28.69 17.03
C VAL C 50 -3.79 28.42 16.94
N GLY C 51 -4.33 27.67 17.89
CA GLY C 51 -5.74 27.34 17.91
C GLY C 51 -5.97 25.89 17.54
N ARG C 52 -7.25 25.53 17.48
CA ARG C 52 -7.67 24.17 17.14
C ARG C 52 -7.45 23.96 15.65
N ILE C 53 -6.36 23.27 15.30
CA ILE C 53 -6.00 23.02 13.91
C ILE C 53 -6.69 21.71 13.51
N GLN C 54 -7.92 21.82 13.03
CA GLN C 54 -8.66 20.68 12.53
C GLN C 54 -8.30 20.43 11.07
N MET C 55 -8.18 19.15 10.71
CA MET C 55 -7.77 18.75 9.37
C MET C 55 -8.78 17.78 8.78
N ARG C 56 -8.81 17.73 7.45
CA ARG C 56 -9.70 16.84 6.73
C ARG C 56 -8.91 16.03 5.72
N THR C 57 -9.33 14.79 5.52
CA THR C 57 -8.69 13.87 4.57
C THR C 57 -9.11 14.24 3.16
N ARG C 58 -8.36 15.18 2.56
CA ARG C 58 -8.69 15.65 1.22
C ARG C 58 -8.55 14.52 0.20
N ARG C 59 -7.48 13.73 0.31
CA ARG C 59 -7.25 12.60 -0.59
C ARG C 59 -6.97 11.36 0.23
N THR C 60 -7.28 10.20 -0.35
CA THR C 60 -7.23 8.91 0.32
C THR C 60 -6.52 7.91 -0.59
N LEU C 61 -5.30 8.28 -1.00
CA LEU C 61 -4.49 7.45 -1.88
C LEU C 61 -4.46 6.01 -1.40
N ARG C 62 -5.04 5.10 -2.20
CA ARG C 62 -5.21 3.70 -1.80
C ARG C 62 -4.78 2.82 -2.98
N GLY C 63 -3.50 2.49 -3.02
CA GLY C 63 -2.99 1.57 -4.02
C GLY C 63 -2.12 0.48 -3.45
N HIS C 64 -1.60 0.70 -2.24
CA HIS C 64 -0.64 -0.21 -1.65
C HIS C 64 -1.33 -1.42 -1.04
N LEU C 65 -0.73 -2.58 -1.23
CA LEU C 65 -1.30 -3.84 -0.77
C LEU C 65 -0.73 -4.31 0.57
N ALA C 66 0.15 -3.53 1.19
CA ALA C 66 0.79 -3.96 2.43
C ALA C 66 1.19 -2.73 3.24
N LYS C 67 1.96 -2.96 4.30
CA LYS C 67 2.34 -1.90 5.23
C LYS C 67 3.22 -0.88 4.55
N ILE C 68 3.08 0.38 4.96
CA ILE C 68 3.84 1.50 4.41
C ILE C 68 4.84 1.96 5.48
N TYR C 69 6.12 1.96 5.13
CA TYR C 69 7.17 2.38 6.05
C TYR C 69 7.84 3.69 5.68
N ALA C 70 7.55 4.25 4.51
CA ALA C 70 8.24 5.48 4.12
C ALA C 70 7.46 6.21 3.05
N MET C 71 7.61 7.54 3.04
CA MET C 71 7.11 8.38 1.97
C MET C 71 7.96 9.64 1.91
N HIS C 72 7.89 10.34 0.78
CA HIS C 72 8.67 11.55 0.60
C HIS C 72 8.06 12.37 -0.53
N TRP C 73 7.83 13.65 -0.27
CA TRP C 73 7.29 14.55 -1.28
C TRP C 73 8.38 15.00 -2.24
N GLY C 74 7.94 15.37 -3.45
CA GLY C 74 8.85 15.94 -4.42
C GLY C 74 9.07 17.42 -4.20
N THR C 75 9.97 17.99 -5.01
CA THR C 75 10.24 19.42 -4.92
C THR C 75 9.08 20.25 -5.42
N ASP C 76 8.31 19.72 -6.38
CA ASP C 76 7.15 20.44 -6.91
C ASP C 76 5.98 20.44 -5.95
N SER C 77 6.06 19.72 -4.83
CA SER C 77 4.99 19.62 -3.84
C SER C 77 3.72 18.99 -4.41
N ARG C 78 3.85 18.20 -5.47
CA ARG C 78 2.73 17.52 -6.09
C ARG C 78 2.92 16.03 -6.20
N LEU C 79 4.14 15.57 -6.49
CA LEU C 79 4.44 14.15 -6.63
C LEU C 79 5.07 13.64 -5.35
N LEU C 80 4.59 12.48 -4.87
CA LEU C 80 5.15 11.83 -3.70
C LEU C 80 5.41 10.37 -4.03
N VAL C 81 6.41 9.80 -3.35
CA VAL C 81 6.80 8.40 -3.54
C VAL C 81 6.65 7.69 -2.20
N SER C 82 5.97 6.55 -2.22
CA SER C 82 5.73 5.76 -1.02
C SER C 82 6.34 4.38 -1.18
N ALA C 83 7.01 3.91 -0.14
CA ALA C 83 7.64 2.60 -0.11
C ALA C 83 6.85 1.68 0.81
N SER C 84 6.59 0.46 0.35
CA SER C 84 5.77 -0.48 1.09
C SER C 84 6.40 -1.86 1.04
N GLN C 85 6.02 -2.70 2.02
CA GLN C 85 6.53 -4.06 2.09
C GLN C 85 6.01 -4.95 0.96
N ASP C 86 5.02 -4.49 0.20
CA ASP C 86 4.57 -5.25 -0.96
C ASP C 86 5.69 -5.41 -1.98
N GLY C 87 6.61 -4.45 -2.04
CA GLY C 87 7.70 -4.49 -2.99
C GLY C 87 7.51 -3.47 -4.10
N LYS C 88 6.80 -2.38 -3.78
CA LYS C 88 6.49 -1.35 -4.76
C LYS C 88 6.94 0.00 -4.25
N LEU C 89 7.26 0.89 -5.19
CA LEU C 89 7.72 2.24 -4.88
C LEU C 89 6.85 3.25 -5.62
N ILE C 90 5.53 3.11 -5.49
CA ILE C 90 4.59 3.90 -6.28
C ILE C 90 4.89 5.38 -6.14
N ILE C 91 4.84 6.10 -7.26
CA ILE C 91 4.99 7.54 -7.29
C ILE C 91 3.63 8.11 -7.67
N TRP C 92 3.01 8.84 -6.75
CA TRP C 92 1.64 9.28 -6.91
C TRP C 92 1.58 10.73 -7.37
N ASP C 93 0.46 11.07 -8.00
CA ASP C 93 0.08 12.45 -8.27
C ASP C 93 -0.95 12.83 -7.22
N SER C 94 -0.52 13.54 -6.19
CA SER C 94 -1.39 13.83 -5.06
C SER C 94 -2.58 14.70 -5.45
N TYR C 95 -2.43 15.50 -6.51
CA TYR C 95 -3.52 16.38 -6.92
C TYR C 95 -4.72 15.57 -7.43
N THR C 96 -4.47 14.51 -8.19
CA THR C 96 -5.55 13.76 -8.83
C THR C 96 -5.50 12.27 -8.53
N THR C 97 -4.75 11.83 -7.53
CA THR C 97 -4.69 10.43 -7.10
C THR C 97 -4.28 9.51 -8.25
N ASN C 98 -3.36 9.99 -9.10
CA ASN C 98 -2.86 9.21 -10.21
C ASN C 98 -1.47 8.65 -9.89
N LYS C 99 -1.26 7.39 -10.23
CA LYS C 99 0.02 6.73 -10.00
C LYS C 99 0.88 6.89 -11.25
N VAL C 100 1.86 7.79 -11.19
CA VAL C 100 2.72 8.04 -12.34
C VAL C 100 3.56 6.81 -12.67
N HIS C 101 4.17 6.22 -11.65
CA HIS C 101 4.97 5.01 -11.81
C HIS C 101 4.68 4.04 -10.67
N ALA C 102 4.94 2.76 -10.93
CA ALA C 102 4.84 1.70 -9.92
C ALA C 102 6.10 0.85 -10.04
N ILE C 103 7.14 1.24 -9.31
CA ILE C 103 8.44 0.59 -9.41
C ILE C 103 8.46 -0.69 -8.58
N PRO C 104 8.69 -1.86 -9.19
CA PRO C 104 8.80 -3.10 -8.43
C PRO C 104 10.21 -3.25 -7.86
N LEU C 105 10.32 -3.18 -6.55
CA LEU C 105 11.62 -3.28 -5.90
C LEU C 105 12.13 -4.72 -5.92
N ARG C 106 13.45 -4.86 -5.85
CA ARG C 106 14.05 -6.19 -5.80
C ARG C 106 13.80 -6.86 -4.45
N SER C 107 13.95 -6.11 -3.36
CA SER C 107 13.75 -6.62 -2.01
C SER C 107 12.50 -5.96 -1.42
N SER C 108 11.56 -6.79 -0.97
CA SER C 108 10.32 -6.27 -0.40
C SER C 108 10.56 -5.51 0.90
N TRP C 109 11.65 -5.79 1.62
CA TRP C 109 11.93 -5.17 2.91
C TRP C 109 12.56 -3.81 2.67
N VAL C 110 11.72 -2.80 2.47
CA VAL C 110 12.14 -1.43 2.27
C VAL C 110 11.57 -0.59 3.41
N MET C 111 12.44 0.18 4.07
CA MET C 111 12.02 1.03 5.17
C MET C 111 12.36 2.50 4.94
N THR C 112 12.83 2.87 3.76
CA THR C 112 13.12 4.27 3.46
C THR C 112 12.97 4.52 1.97
N CYS C 113 12.60 5.75 1.63
CA CYS C 113 12.52 6.19 0.25
C CYS C 113 12.81 7.68 0.20
N ALA C 114 13.24 8.14 -0.98
CA ALA C 114 13.62 9.53 -1.16
C ALA C 114 13.23 9.99 -2.56
N TYR C 115 13.08 11.30 -2.71
CA TYR C 115 12.82 11.93 -3.99
C TYR C 115 13.90 12.97 -4.25
N ALA C 116 14.54 12.87 -5.41
CA ALA C 116 15.63 13.77 -5.73
C ALA C 116 15.12 15.21 -5.84
N PRO C 117 15.95 16.19 -5.47
CA PRO C 117 15.52 17.59 -5.59
C PRO C 117 15.18 17.99 -7.01
N SER C 118 15.90 17.46 -8.00
CA SER C 118 15.52 17.71 -9.40
C SER C 118 14.25 16.96 -9.77
N GLY C 119 14.02 15.80 -9.17
CA GLY C 119 12.85 15.00 -9.46
C GLY C 119 13.07 13.86 -10.44
N ASN C 120 14.30 13.64 -10.88
CA ASN C 120 14.60 12.60 -11.84
C ASN C 120 15.06 11.29 -11.22
N TYR C 121 15.16 11.22 -9.89
CA TYR C 121 15.66 10.04 -9.22
C TYR C 121 14.86 9.76 -7.95
N VAL C 122 14.70 8.48 -7.65
CA VAL C 122 14.11 8.02 -6.39
C VAL C 122 14.94 6.87 -5.86
N ALA C 123 15.20 6.87 -4.56
CA ALA C 123 16.03 5.85 -3.92
C ALA C 123 15.21 5.09 -2.90
N CYS C 124 15.51 3.80 -2.75
CA CYS C 124 14.87 2.94 -1.76
C CYS C 124 15.93 2.14 -1.03
N GLY C 125 15.64 1.81 0.22
CA GLY C 125 16.55 1.02 1.03
C GLY C 125 15.83 0.38 2.20
N GLY C 126 16.47 -0.63 2.76
CA GLY C 126 15.86 -1.36 3.87
C GLY C 126 16.75 -2.46 4.41
N LEU C 127 16.15 -3.64 4.65
CA LEU C 127 16.88 -4.77 5.21
C LEU C 127 17.86 -5.37 4.21
N ASP C 128 17.80 -4.98 2.94
CA ASP C 128 18.74 -5.49 1.94
C ASP C 128 20.11 -4.83 2.00
N ASN C 129 20.27 -3.80 2.84
CA ASN C 129 21.54 -3.12 3.08
C ASN C 129 22.06 -2.39 1.84
N ILE C 130 21.20 -2.19 0.83
CA ILE C 130 21.59 -1.59 -0.43
C ILE C 130 20.65 -0.45 -0.74
N CYS C 131 21.20 0.71 -1.09
CA CYS C 131 20.43 1.85 -1.53
C CYS C 131 20.34 1.81 -3.05
N SER C 132 19.13 1.61 -3.58
CA SER C 132 18.91 1.44 -5.01
C SER C 132 18.41 2.75 -5.58
N ILE C 133 19.17 3.33 -6.51
CA ILE C 133 18.78 4.57 -7.17
C ILE C 133 18.03 4.23 -8.44
N TYR C 134 16.86 4.84 -8.62
CA TYR C 134 16.02 4.61 -9.78
C TYR C 134 15.97 5.85 -10.65
N ASN C 135 15.99 5.65 -11.97
CA ASN C 135 15.98 6.75 -12.93
C ASN C 135 14.58 6.89 -13.51
N LEU C 136 13.97 8.06 -13.31
CA LEU C 136 12.62 8.31 -13.78
C LEU C 136 12.60 8.87 -15.21
N LYS C 137 13.31 9.97 -15.43
CA LYS C 137 13.36 10.61 -16.75
C LYS C 137 14.27 9.79 -17.67
N THR C 138 13.70 8.73 -18.23
CA THR C 138 14.42 7.82 -19.10
C THR C 138 13.80 7.82 -20.49
N ARG C 139 14.62 7.59 -21.51
CA ARG C 139 14.11 7.60 -22.91
C ARG C 139 13.23 6.37 -23.13
N GLU C 140 13.61 5.23 -22.58
CA GLU C 140 12.86 4.01 -22.82
C GLU C 140 11.46 4.04 -22.20
N GLY C 141 11.20 4.97 -21.28
CA GLY C 141 9.89 5.12 -20.70
C GLY C 141 9.59 4.23 -19.51
N ASN C 142 10.51 3.35 -19.13
CA ASN C 142 10.34 2.48 -17.98
C ASN C 142 11.43 2.76 -16.97
N VAL C 143 11.04 2.90 -15.69
CA VAL C 143 12.00 3.20 -14.64
C VAL C 143 12.99 2.05 -14.52
N ARG C 144 14.27 2.40 -14.34
CA ARG C 144 15.34 1.43 -14.25
C ARG C 144 16.28 1.79 -13.10
N VAL C 145 17.00 0.79 -12.61
CA VAL C 145 17.93 0.98 -11.50
C VAL C 145 19.16 1.70 -12.03
N SER C 146 19.37 2.94 -11.60
CA SER C 146 20.56 3.68 -12.02
C SER C 146 21.82 3.05 -11.46
N ARG C 147 21.85 2.79 -10.15
CA ARG C 147 22.99 2.15 -9.51
C ARG C 147 22.63 1.69 -8.10
N GLU C 148 23.01 0.46 -7.76
CA GLU C 148 22.79 -0.08 -6.42
C GLU C 148 24.03 0.23 -5.58
N LEU C 149 23.84 0.98 -4.51
CA LEU C 149 24.94 1.37 -3.63
C LEU C 149 25.11 0.33 -2.53
N ALA C 150 26.27 -0.33 -2.50
CA ALA C 150 26.56 -1.36 -1.54
C ALA C 150 27.80 -0.99 -0.74
N GLY C 151 27.89 -1.55 0.47
CA GLY C 151 28.99 -1.24 1.36
C GLY C 151 28.56 -1.16 2.81
N HIS C 152 27.28 -0.86 3.05
CA HIS C 152 26.75 -0.90 4.40
C HIS C 152 26.62 -2.35 4.87
N THR C 153 27.05 -2.61 6.10
CA THR C 153 27.00 -3.94 6.67
C THR C 153 25.78 -4.15 7.56
N GLY C 154 24.86 -3.18 7.60
CA GLY C 154 23.68 -3.28 8.42
C GLY C 154 22.48 -2.69 7.72
N TYR C 155 21.31 -2.91 8.32
CA TYR C 155 20.06 -2.44 7.74
C TYR C 155 20.08 -0.92 7.57
N LEU C 156 19.57 -0.47 6.42
CA LEU C 156 19.55 0.95 6.09
C LEU C 156 18.22 1.55 6.51
N SER C 157 18.28 2.67 7.22
CA SER C 157 17.10 3.26 7.85
C SER C 157 16.57 4.49 7.12
N CYS C 158 17.44 5.36 6.62
CA CYS C 158 16.99 6.59 5.98
C CYS C 158 18.06 7.10 5.03
N CYS C 159 17.63 7.52 3.85
CA CYS C 159 18.51 8.08 2.84
C CYS C 159 17.90 9.37 2.29
N ARG C 160 18.70 10.43 2.21
CA ARG C 160 18.24 11.71 1.70
C ARG C 160 19.16 12.16 0.57
N PHE C 161 18.56 12.73 -0.47
CA PHE C 161 19.29 13.14 -1.66
C PHE C 161 19.88 14.52 -1.43
N LEU C 162 21.22 14.60 -1.40
CA LEU C 162 21.88 15.90 -1.40
C LEU C 162 21.66 16.62 -2.73
N ASP C 163 21.91 15.91 -3.83
CA ASP C 163 21.63 16.41 -5.17
C ASP C 163 21.55 15.19 -6.09
N ASP C 164 21.54 15.43 -7.41
CA ASP C 164 21.44 14.33 -8.36
C ASP C 164 22.66 13.41 -8.36
N ASN C 165 23.75 13.82 -7.72
CA ASN C 165 24.98 13.03 -7.72
C ASN C 165 25.42 12.54 -6.35
N GLN C 166 24.96 13.17 -5.27
CA GLN C 166 25.34 12.79 -3.91
C GLN C 166 24.10 12.46 -3.11
N ILE C 167 24.17 11.35 -2.36
CA ILE C 167 23.08 10.93 -1.48
C ILE C 167 23.67 10.57 -0.12
N VAL C 168 22.97 10.96 0.94
CA VAL C 168 23.38 10.71 2.31
C VAL C 168 22.48 9.62 2.87
N THR C 169 23.07 8.49 3.27
CA THR C 169 22.34 7.35 3.76
C THR C 169 22.77 7.03 5.19
N SER C 170 21.78 6.73 6.04
CA SER C 170 22.02 6.35 7.42
C SER C 170 21.52 4.92 7.62
N SER C 171 22.41 4.05 8.08
CA SER C 171 22.11 2.63 8.25
C SER C 171 22.17 2.25 9.72
N GLY C 172 21.99 0.96 9.98
CA GLY C 172 22.06 0.39 11.31
C GLY C 172 23.44 0.06 11.79
N ASP C 173 24.47 0.36 11.01
CA ASP C 173 25.86 0.16 11.39
C ASP C 173 26.39 1.25 12.30
N THR C 174 25.50 2.05 12.88
CA THR C 174 25.86 3.21 13.72
C THR C 174 26.67 4.24 12.94
N THR C 175 26.64 4.19 11.61
CA THR C 175 27.42 5.10 10.78
C THR C 175 26.56 5.59 9.63
N CYS C 176 26.72 6.88 9.30
CA CYS C 176 26.14 7.47 8.12
C CYS C 176 27.21 7.60 7.04
N ALA C 177 26.76 7.74 5.79
CA ALA C 177 27.69 7.76 4.67
C ALA C 177 27.20 8.69 3.58
N LEU C 178 28.13 9.19 2.78
CA LEU C 178 27.84 9.99 1.60
C LEU C 178 28.32 9.24 0.38
N TRP C 179 27.46 9.12 -0.63
CA TRP C 179 27.74 8.32 -1.81
C TRP C 179 27.79 9.20 -3.05
N ASP C 180 28.41 8.66 -4.09
CA ASP C 180 28.47 9.30 -5.41
C ASP C 180 27.78 8.37 -6.41
N ILE C 181 26.72 8.87 -7.04
CA ILE C 181 25.90 8.04 -7.91
C ILE C 181 26.70 7.54 -9.11
N GLU C 182 27.53 8.41 -9.69
CA GLU C 182 28.28 8.04 -10.89
C GLU C 182 29.28 6.94 -10.59
N THR C 183 29.98 7.01 -9.46
CA THR C 183 31.00 6.04 -9.13
C THR C 183 30.45 4.87 -8.30
N GLY C 184 29.70 5.18 -7.24
CA GLY C 184 29.14 4.16 -6.38
C GLY C 184 29.95 3.88 -5.14
N GLN C 185 30.97 4.68 -4.83
CA GLN C 185 31.84 4.46 -3.68
C GLN C 185 31.55 5.51 -2.61
N GLN C 186 31.75 5.10 -1.36
CA GLN C 186 31.50 5.98 -0.22
C GLN C 186 32.54 7.10 -0.20
N THR C 187 32.12 8.30 -0.60
CA THR C 187 33.05 9.44 -0.56
C THR C 187 33.39 9.80 0.88
N THR C 188 32.42 9.76 1.78
CA THR C 188 32.63 10.07 3.18
C THR C 188 31.87 9.08 4.04
N THR C 189 32.42 8.77 5.21
CA THR C 189 31.81 7.83 6.16
C THR C 189 31.75 8.50 7.51
N PHE C 190 30.54 8.84 7.96
CA PHE C 190 30.34 9.50 9.24
C PHE C 190 30.15 8.44 10.31
N THR C 191 31.08 8.38 11.26
CA THR C 191 31.05 7.40 12.33
C THR C 191 31.18 8.08 13.68
N GLY C 192 30.71 7.40 14.72
CA GLY C 192 30.76 7.93 16.07
C GLY C 192 29.57 7.55 16.93
N HIS C 193 28.48 7.13 16.30
CA HIS C 193 27.32 6.70 17.05
C HIS C 193 27.57 5.35 17.72
N THR C 194 26.99 5.17 18.90
CA THR C 194 27.05 3.91 19.62
C THR C 194 25.80 3.05 19.44
N GLY C 195 24.85 3.51 18.62
CA GLY C 195 23.65 2.75 18.35
C GLY C 195 23.21 2.94 16.92
N ASP C 196 22.27 2.08 16.50
CA ASP C 196 21.80 2.11 15.12
C ASP C 196 21.16 3.45 14.81
N VAL C 197 21.56 4.05 13.69
CA VAL C 197 20.99 5.31 13.25
C VAL C 197 19.66 5.03 12.56
N MET C 198 18.60 5.68 13.03
CA MET C 198 17.25 5.38 12.56
C MET C 198 16.73 6.37 11.52
N SER C 199 17.23 7.60 11.51
CA SER C 199 16.75 8.59 10.57
C SER C 199 17.70 9.77 10.53
N LEU C 200 17.76 10.42 9.37
CA LEU C 200 18.53 11.63 9.18
C LEU C 200 17.65 12.68 8.52
N SER C 201 18.05 13.94 8.67
CA SER C 201 17.28 15.07 8.13
C SER C 201 18.25 16.06 7.50
N LEU C 202 18.24 16.13 6.17
CA LEU C 202 19.10 17.08 5.47
C LEU C 202 18.66 18.51 5.73
N ALA C 203 19.64 19.38 5.99
CA ALA C 203 19.36 20.79 6.21
C ALA C 203 19.04 21.50 4.90
N PRO C 204 18.29 22.60 4.96
CA PRO C 204 17.98 23.32 3.71
C PRO C 204 19.20 23.80 2.96
N ASP C 205 20.26 24.21 3.65
CA ASP C 205 21.47 24.69 2.98
C ASP C 205 22.27 23.57 2.35
N THR C 206 21.94 22.30 2.65
CA THR C 206 22.66 21.12 2.13
C THR C 206 24.16 21.19 2.45
N ARG C 207 24.51 21.77 3.60
CA ARG C 207 25.88 21.77 4.07
C ARG C 207 26.08 20.98 5.35
N LEU C 208 25.01 20.71 6.11
CA LEU C 208 25.07 19.92 7.32
C LEU C 208 23.86 19.00 7.37
N PHE C 209 23.98 17.91 8.11
CA PHE C 209 22.86 17.02 8.33
C PHE C 209 23.01 16.35 9.69
N VAL C 210 21.90 16.24 10.40
CA VAL C 210 21.86 15.61 11.72
C VAL C 210 21.06 14.33 11.62
N SER C 211 21.40 13.37 12.49
CA SER C 211 20.76 12.06 12.47
C SER C 211 20.69 11.51 13.88
N GLY C 212 19.50 11.15 14.32
CA GLY C 212 19.32 10.49 15.59
C GLY C 212 19.55 8.99 15.48
N ALA C 213 19.91 8.38 16.60
CA ALA C 213 20.26 6.97 16.63
C ALA C 213 19.56 6.29 17.80
N CYS C 214 19.80 4.98 17.92
CA CYS C 214 19.16 4.20 18.98
C CYS C 214 19.74 4.51 20.36
N ASP C 215 20.88 5.18 20.42
CA ASP C 215 21.53 5.51 21.70
C ASP C 215 20.97 6.78 22.33
N ALA C 216 19.78 7.23 21.91
CA ALA C 216 19.14 8.43 22.43
C ALA C 216 20.02 9.67 22.26
N SER C 217 20.79 9.71 21.18
CA SER C 217 21.69 10.81 20.91
C SER C 217 21.56 11.25 19.45
N ALA C 218 21.69 12.55 19.24
CA ALA C 218 21.65 13.14 17.90
C ALA C 218 22.93 13.95 17.71
N LYS C 219 23.60 13.74 16.58
CA LYS C 219 24.87 14.38 16.30
C LYS C 219 24.77 15.22 15.03
N LEU C 220 25.55 16.31 15.01
CA LEU C 220 25.61 17.22 13.87
C LEU C 220 26.77 16.77 12.99
N TRP C 221 26.46 16.32 11.79
CA TRP C 221 27.48 15.90 10.83
C TRP C 221 27.73 16.99 9.80
N ASP C 222 28.95 17.01 9.28
CA ASP C 222 29.36 17.98 8.26
C ASP C 222 29.74 17.20 7.00
N VAL C 223 28.94 17.36 5.94
CA VAL C 223 29.21 16.62 4.70
C VAL C 223 30.49 17.14 4.05
N ARG C 224 30.73 18.45 4.11
CA ARG C 224 31.94 19.01 3.51
C ARG C 224 33.19 18.55 4.24
N GLU C 225 33.14 18.45 5.56
CA GLU C 225 34.31 18.07 6.34
C GLU C 225 34.36 16.56 6.56
N GLY C 226 33.35 15.99 7.20
CA GLY C 226 33.28 14.55 7.38
C GLY C 226 33.34 14.07 8.81
N MET C 227 33.22 14.98 9.77
CA MET C 227 33.24 14.60 11.17
C MET C 227 32.12 15.32 11.92
N CYS C 228 31.74 14.76 13.06
CA CYS C 228 30.66 15.33 13.85
C CYS C 228 31.07 16.69 14.43
N ARG C 229 30.10 17.59 14.49
CA ARG C 229 30.32 18.93 15.04
C ARG C 229 29.81 19.05 16.47
N GLN C 230 28.52 18.80 16.68
CA GLN C 230 27.91 18.86 18.00
C GLN C 230 27.08 17.60 18.23
N THR C 231 27.01 17.17 19.49
CA THR C 231 26.25 16.00 19.89
C THR C 231 25.16 16.42 20.88
N PHE C 232 23.94 15.98 20.63
CA PHE C 232 22.79 16.32 21.44
C PHE C 232 22.25 15.08 22.14
N THR C 233 21.95 15.22 23.43
CA THR C 233 21.39 14.15 24.24
C THR C 233 20.17 14.67 24.99
N GLY C 234 19.52 13.78 25.74
CA GLY C 234 18.35 14.16 26.52
C GLY C 234 17.25 13.12 26.48
N HIS C 235 17.17 12.37 25.38
CA HIS C 235 16.16 11.33 25.28
C HIS C 235 16.55 10.12 26.14
N GLU C 236 15.55 9.31 26.46
CA GLU C 236 15.76 8.10 27.25
C GLU C 236 15.79 6.83 26.41
N SER C 237 15.14 6.83 25.24
CA SER C 237 15.11 5.66 24.39
C SER C 237 15.56 5.98 22.97
N ASP C 238 15.41 5.01 22.07
CA ASP C 238 15.88 5.15 20.70
C ASP C 238 15.14 6.29 19.99
N ILE C 239 15.90 7.11 19.26
CA ILE C 239 15.34 8.21 18.49
C ILE C 239 14.88 7.65 17.15
N ASN C 240 13.57 7.48 16.99
CA ASN C 240 13.03 6.86 15.79
C ASN C 240 13.01 7.81 14.60
N ALA C 241 12.85 9.11 14.83
CA ALA C 241 12.70 10.04 13.73
C ALA C 241 13.31 11.39 14.10
N ILE C 242 13.61 12.18 13.07
CA ILE C 242 14.22 13.49 13.25
C ILE C 242 13.80 14.38 12.09
N CYS C 243 13.74 15.69 12.36
CA CYS C 243 13.42 16.67 11.34
C CYS C 243 14.20 17.94 11.62
N PHE C 244 14.35 18.77 10.60
CA PHE C 244 15.18 19.97 10.68
C PHE C 244 14.28 21.20 10.54
N PHE C 245 14.56 22.22 11.36
CA PHE C 245 13.76 23.43 11.34
C PHE C 245 13.96 24.15 10.01
N PRO C 246 12.91 24.82 9.49
CA PRO C 246 13.06 25.52 8.20
C PRO C 246 14.19 26.53 8.16
N ASN C 247 14.42 27.26 9.25
CA ASN C 247 15.46 28.29 9.26
C ASN C 247 16.86 27.68 9.18
N GLY C 248 17.00 26.40 9.49
CA GLY C 248 18.30 25.75 9.50
C GLY C 248 19.07 25.90 10.80
N ASN C 249 18.48 26.51 11.83
CA ASN C 249 19.16 26.72 13.09
C ASN C 249 18.56 25.89 14.23
N ALA C 250 17.75 24.89 13.92
CA ALA C 250 17.15 24.04 14.94
C ALA C 250 16.74 22.72 14.30
N PHE C 251 16.45 21.73 15.15
CA PHE C 251 15.96 20.45 14.69
C PHE C 251 15.22 19.76 15.82
N ALA C 252 14.16 19.04 15.46
CA ALA C 252 13.34 18.30 16.40
C ALA C 252 13.57 16.80 16.25
N THR C 253 13.38 16.07 17.34
CA THR C 253 13.61 14.64 17.38
C THR C 253 12.40 13.93 17.96
N GLY C 254 12.18 12.70 17.50
CA GLY C 254 11.13 11.87 18.03
C GLY C 254 11.66 10.52 18.49
N SER C 255 11.30 10.11 19.71
CA SER C 255 11.80 8.88 20.29
C SER C 255 10.66 8.05 20.85
N ASP C 256 11.00 6.86 21.33
CA ASP C 256 10.01 5.95 21.90
C ASP C 256 9.50 6.41 23.26
N ASP C 257 10.12 7.43 23.86
CA ASP C 257 9.68 7.95 25.15
C ASP C 257 8.40 8.76 25.07
N ALA C 258 7.86 8.99 23.88
CA ALA C 258 6.67 9.79 23.65
C ALA C 258 6.89 11.26 24.00
N THR C 259 8.14 11.69 24.08
CA THR C 259 8.50 13.07 24.39
C THR C 259 9.35 13.61 23.25
N CYS C 260 8.70 14.14 22.21
CA CYS C 260 9.42 14.83 21.16
C CYS C 260 10.10 16.07 21.73
N ARG C 261 11.33 16.32 21.30
CA ARG C 261 12.13 17.40 21.85
C ARG C 261 12.71 18.25 20.73
N LEU C 262 12.83 19.55 21.00
CA LEU C 262 13.39 20.50 20.05
C LEU C 262 14.77 20.91 20.52
N PHE C 263 15.74 20.88 19.61
CA PHE C 263 17.12 21.23 19.90
C PHE C 263 17.52 22.43 19.05
N ASP C 264 18.38 23.28 19.62
CA ASP C 264 18.83 24.49 18.95
C ASP C 264 20.25 24.31 18.45
N LEU C 265 20.49 24.71 17.19
CA LEU C 265 21.80 24.52 16.58
C LEU C 265 22.86 25.34 17.31
N ARG C 266 22.60 26.64 17.50
CA ARG C 266 23.59 27.53 18.10
C ARG C 266 23.69 27.32 19.61
N ALA C 267 22.56 27.12 20.28
CA ALA C 267 22.57 26.97 21.73
C ALA C 267 23.15 25.63 22.17
N ASP C 268 23.11 24.61 21.30
CA ASP C 268 23.67 23.29 21.59
C ASP C 268 23.03 22.68 22.84
N GLN C 269 21.73 22.88 23.01
CA GLN C 269 21.00 22.28 24.11
C GLN C 269 19.53 22.19 23.76
N GLU C 270 18.83 21.31 24.46
CA GLU C 270 17.40 21.12 24.24
C GLU C 270 16.63 22.36 24.67
N LEU C 271 15.62 22.72 23.89
CA LEU C 271 14.78 23.88 24.19
C LEU C 271 13.47 23.50 24.86
N MET C 272 12.66 22.65 24.21
CA MET C 272 11.39 22.23 24.76
C MET C 272 11.24 20.73 24.62
N THR C 273 10.26 20.18 25.34
CA THR C 273 9.85 18.79 25.22
C THR C 273 8.35 18.75 24.97
N TYR C 274 7.93 17.83 24.10
CA TYR C 274 6.53 17.69 23.71
C TYR C 274 6.03 16.34 24.21
N SER C 275 5.50 16.33 25.42
CA SER C 275 5.01 15.11 26.05
C SER C 275 3.62 15.35 26.63
N HIS C 276 2.81 14.30 26.65
CA HIS C 276 1.47 14.34 27.22
C HIS C 276 1.28 13.15 28.15
N ASP C 277 0.48 13.36 29.20
CA ASP C 277 0.24 12.29 30.16
C ASP C 277 -0.49 11.12 29.51
N ASN C 278 -1.49 11.41 28.67
CA ASN C 278 -2.22 10.34 28.00
C ASN C 278 -1.34 9.60 27.01
N ILE C 279 -0.51 10.32 26.27
CA ILE C 279 0.32 9.72 25.23
C ILE C 279 1.48 8.97 25.87
N ILE C 280 1.62 7.69 25.51
CA ILE C 280 2.72 6.87 25.97
C ILE C 280 3.36 6.17 24.77
N CYS C 281 2.69 6.22 23.63
CA CYS C 281 3.15 5.56 22.43
C CYS C 281 4.38 6.24 21.86
N GLY C 282 5.23 5.45 21.19
CA GLY C 282 6.41 6.00 20.57
C GLY C 282 6.09 6.85 19.37
N ILE C 283 7.06 7.66 18.97
CA ILE C 283 6.94 8.56 17.83
C ILE C 283 7.68 7.95 16.66
N THR C 284 6.99 7.81 15.52
CA THR C 284 7.58 7.19 14.34
C THR C 284 7.98 8.20 13.27
N SER C 285 7.46 9.42 13.32
CA SER C 285 7.79 10.42 12.31
C SER C 285 7.58 11.81 12.90
N VAL C 286 8.44 12.74 12.49
CA VAL C 286 8.37 14.12 12.93
C VAL C 286 8.65 15.02 11.74
N SER C 287 7.82 16.06 11.57
CA SER C 287 7.99 17.00 10.47
C SER C 287 7.47 18.36 10.89
N PHE C 288 8.19 19.41 10.49
CA PHE C 288 7.80 20.78 10.79
C PHE C 288 6.84 21.29 9.73
N SER C 289 6.52 22.57 9.79
CA SER C 289 5.71 23.25 8.79
C SER C 289 6.58 24.21 7.98
N LYS C 290 5.94 24.98 7.11
CA LYS C 290 6.67 25.94 6.30
C LYS C 290 7.30 27.03 7.16
N SER C 291 6.57 27.52 8.16
CA SER C 291 7.06 28.59 9.02
C SER C 291 7.68 28.07 10.31
N GLY C 292 7.79 26.76 10.47
CA GLY C 292 8.35 26.20 11.70
C GLY C 292 7.51 26.46 12.93
N ARG C 293 6.19 26.49 12.78
CA ARG C 293 5.28 26.68 13.90
C ARG C 293 4.39 25.48 14.17
N LEU C 294 4.17 24.63 13.17
CA LEU C 294 3.27 23.48 13.27
C LEU C 294 4.13 22.23 13.25
N LEU C 295 4.41 21.66 14.42
CA LEU C 295 5.29 20.51 14.56
C LEU C 295 4.46 19.23 14.48
N LEU C 296 4.29 18.74 13.26
CA LEU C 296 3.59 17.47 13.06
C LEU C 296 4.42 16.32 13.63
N ALA C 297 3.73 15.31 14.18
CA ALA C 297 4.39 14.14 14.74
C ALA C 297 3.48 12.93 14.61
N GLY C 298 4.05 11.81 14.19
CA GLY C 298 3.28 10.60 14.01
C GLY C 298 3.48 9.59 15.12
N TYR C 299 2.49 9.47 16.00
CA TYR C 299 2.57 8.57 17.14
C TYR C 299 2.13 7.17 16.76
N ASP C 300 2.25 6.24 17.71
CA ASP C 300 1.91 4.85 17.50
C ASP C 300 0.49 4.50 17.95
N ASP C 301 -0.25 5.47 18.49
CA ASP C 301 -1.64 5.25 18.91
C ASP C 301 -2.62 5.50 17.77
N PHE C 302 -2.18 5.35 16.52
CA PHE C 302 -2.96 5.57 15.30
C PHE C 302 -3.24 7.05 15.06
N ASN C 303 -2.67 7.94 15.88
CA ASN C 303 -2.92 9.37 15.79
C ASN C 303 -1.67 10.10 15.33
N CYS C 304 -1.85 11.37 15.00
CA CYS C 304 -0.78 12.26 14.56
C CYS C 304 -0.88 13.61 15.27
N ASN C 305 -0.98 13.55 16.61
CA ASN C 305 -1.21 14.72 17.45
C ASN C 305 -0.35 15.91 17.04
N VAL C 306 -1.00 17.01 16.67
CA VAL C 306 -0.31 18.21 16.26
C VAL C 306 0.23 18.94 17.49
N TRP C 307 1.52 19.28 17.46
CA TRP C 307 2.17 19.96 18.57
C TRP C 307 2.62 21.34 18.12
N ASP C 308 2.31 22.35 18.93
CA ASP C 308 2.79 23.70 18.64
C ASP C 308 4.29 23.79 18.87
N ALA C 309 5.00 24.35 17.89
CA ALA C 309 6.45 24.41 17.96
C ALA C 309 6.97 25.42 18.97
N LEU C 310 6.11 26.28 19.52
CA LEU C 310 6.53 27.28 20.48
C LEU C 310 5.79 27.22 21.80
N LYS C 311 4.70 26.47 21.91
CA LYS C 311 3.92 26.40 23.14
C LYS C 311 3.84 25.00 23.75
N ALA C 312 4.23 23.96 23.01
CA ALA C 312 4.17 22.58 23.50
C ALA C 312 2.75 22.21 23.94
N ASP C 313 1.76 22.70 23.21
CA ASP C 313 0.36 22.41 23.47
C ASP C 313 -0.24 21.74 22.26
N ARG C 314 -0.93 20.62 22.47
CA ARG C 314 -1.54 19.89 21.36
C ARG C 314 -2.61 20.73 20.69
N ALA C 315 -2.58 20.76 19.35
CA ALA C 315 -3.53 21.55 18.58
C ALA C 315 -4.26 20.72 17.53
N GLY C 316 -4.18 19.40 17.60
CA GLY C 316 -4.87 18.56 16.63
C GLY C 316 -4.73 17.10 17.01
N VAL C 317 -5.54 16.28 16.37
CA VAL C 317 -5.57 14.84 16.60
C VAL C 317 -5.14 14.07 15.36
N LEU C 318 -5.76 14.37 14.21
CA LEU C 318 -5.44 13.71 12.94
C LEU C 318 -5.62 12.20 13.02
N ALA C 319 -6.61 11.77 13.80
CA ALA C 319 -6.88 10.35 14.02
C ALA C 319 -7.78 9.85 12.90
N GLY C 320 -7.18 9.24 11.89
CA GLY C 320 -7.94 8.68 10.79
C GLY C 320 -7.36 7.38 10.26
N HIS C 321 -6.36 6.84 10.94
CA HIS C 321 -5.65 5.65 10.47
C HIS C 321 -5.94 4.47 11.38
N ASP C 322 -6.03 3.29 10.77
CA ASP C 322 -6.29 2.07 11.54
C ASP C 322 -5.05 1.62 12.29
N ASN C 323 -3.88 1.78 11.70
CA ASN C 323 -2.63 1.30 12.27
C ASN C 323 -1.68 2.47 12.50
N ARG C 324 -0.46 2.15 12.93
CA ARG C 324 0.51 3.18 13.27
C ARG C 324 0.89 4.01 12.05
N VAL C 325 1.14 5.30 12.27
CA VAL C 325 1.59 6.21 11.23
C VAL C 325 3.11 6.10 11.19
N SER C 326 3.62 5.44 10.14
CA SER C 326 5.06 5.24 10.02
C SER C 326 5.77 6.45 9.43
N CYS C 327 5.17 7.09 8.44
CA CYS C 327 5.80 8.20 7.74
C CYS C 327 4.84 9.37 7.66
N LEU C 328 5.40 10.57 7.60
CA LEU C 328 4.62 11.79 7.47
C LEU C 328 5.54 12.91 7.03
N GLY C 329 5.15 13.62 5.98
CA GLY C 329 5.96 14.70 5.48
C GLY C 329 5.17 15.86 4.91
N VAL C 330 5.44 17.07 5.37
CA VAL C 330 4.81 18.25 4.82
C VAL C 330 5.43 18.57 3.46
N THR C 331 4.69 19.32 2.65
CA THR C 331 5.17 19.69 1.33
C THR C 331 6.12 20.87 1.42
N ASP C 332 6.75 21.18 0.29
CA ASP C 332 7.67 22.32 0.24
C ASP C 332 6.92 23.63 0.45
N ASP C 333 5.72 23.74 -0.11
CA ASP C 333 4.89 24.94 0.05
C ASP C 333 3.95 24.85 1.25
N GLY C 334 3.92 23.73 1.95
CA GLY C 334 3.11 23.62 3.15
C GLY C 334 1.62 23.54 2.92
N MET C 335 1.18 23.13 1.73
CA MET C 335 -0.23 23.04 1.43
C MET C 335 -0.83 21.67 1.72
N ALA C 336 -0.02 20.70 2.14
CA ALA C 336 -0.53 19.37 2.40
C ALA C 336 0.40 18.65 3.37
N VAL C 337 -0.17 17.72 4.14
CA VAL C 337 0.57 16.92 5.12
C VAL C 337 0.17 15.47 4.90
N ALA C 338 0.95 14.74 4.12
CA ALA C 338 0.67 13.33 3.91
C ALA C 338 1.02 12.54 5.18
N THR C 339 0.19 11.53 5.48
CA THR C 339 0.29 10.80 6.74
C THR C 339 0.17 9.32 6.41
N GLY C 340 1.02 8.86 5.49
CA GLY C 340 1.04 7.45 5.13
C GLY C 340 1.31 6.56 6.32
N SER C 341 0.49 5.53 6.51
CA SER C 341 0.52 4.70 7.71
C SER C 341 0.55 3.23 7.32
N TRP C 342 0.61 2.37 8.35
CA TRP C 342 0.67 0.93 8.14
C TRP C 342 -0.61 0.35 7.57
N ASP C 343 -1.70 1.11 7.55
CA ASP C 343 -2.97 0.62 7.02
C ASP C 343 -3.00 0.59 5.50
N SER C 344 -1.86 0.75 4.83
CA SER C 344 -1.72 0.68 3.38
C SER C 344 -2.42 1.82 2.65
N PHE C 345 -2.85 2.85 3.38
CA PHE C 345 -3.49 4.01 2.76
C PHE C 345 -2.75 5.27 3.18
N LEU C 346 -2.30 6.05 2.21
CA LEU C 346 -1.83 7.39 2.51
C LEU C 346 -3.02 8.34 2.61
N LYS C 347 -2.81 9.45 3.32
CA LYS C 347 -3.88 10.42 3.55
C LYS C 347 -3.30 11.82 3.43
N ILE C 348 -3.74 12.56 2.43
CA ILE C 348 -3.26 13.92 2.18
C ILE C 348 -4.11 14.88 3.02
N TRP C 349 -3.68 15.15 4.25
CA TRP C 349 -4.39 16.09 5.10
C TRP C 349 -4.18 17.52 4.59
N ASN C 350 -5.12 18.39 4.93
CA ASN C 350 -5.05 19.79 4.54
C ASN C 350 -5.96 20.60 5.46
N GLY C 351 -5.54 21.83 5.76
CA GLY C 351 -6.31 22.70 6.62
C GLY C 351 -7.37 23.47 5.88
N SER C 352 -8.64 23.13 6.11
CA SER C 352 -9.74 23.82 5.46
C SER C 352 -9.89 25.23 6.02
N SER C 353 -10.38 26.14 5.17
CA SER C 353 -10.57 27.53 5.56
C SER C 353 -11.73 27.67 6.54
N SER D 8 42.95 -0.58 23.03
CA SER D 8 42.06 0.41 22.36
C SER D 8 42.28 1.80 22.99
N ILE D 9 43.50 2.07 23.45
CA ILE D 9 43.83 3.40 24.04
C ILE D 9 43.66 4.45 22.95
N ALA D 10 44.12 4.16 21.73
CA ALA D 10 43.95 5.09 20.60
C ALA D 10 42.45 5.30 20.34
N GLN D 11 41.66 4.23 20.42
CA GLN D 11 40.19 4.34 20.20
C GLN D 11 39.61 5.25 21.29
N ALA D 12 40.02 5.05 22.54
CA ALA D 12 39.55 5.93 23.64
C ALA D 12 40.02 7.35 23.40
N ARG D 13 41.27 7.51 22.95
CA ARG D 13 41.81 8.86 22.64
C ARG D 13 40.94 9.51 21.56
N LYS D 14 40.61 8.75 20.50
CA LYS D 14 39.74 9.27 19.42
C LYS D 14 38.42 9.72 20.05
N LEU D 15 37.82 8.88 20.89
CA LEU D 15 36.56 9.25 21.59
C LEU D 15 36.81 10.55 22.36
N VAL D 16 37.90 10.60 23.14
CA VAL D 16 38.18 11.77 23.95
C VAL D 16 38.38 12.99 23.05
N GLU D 17 39.12 12.82 21.95
CA GLU D 17 39.36 13.94 21.04
C GLU D 17 38.08 14.41 20.36
N GLN D 18 37.04 13.56 20.35
CA GLN D 18 35.79 13.94 19.71
C GLN D 18 35.15 15.14 20.43
N LEU D 19 35.19 15.15 21.76
CA LEU D 19 34.60 16.25 22.52
C LEU D 19 35.44 17.51 22.49
N LYS D 20 36.66 17.45 21.95
CA LYS D 20 37.54 18.62 21.95
C LYS D 20 36.92 19.77 21.17
N MET D 21 36.51 19.51 19.92
CA MET D 21 35.86 20.56 19.15
C MET D 21 34.44 20.84 19.65
N GLU D 22 33.76 19.82 20.17
CA GLU D 22 32.41 20.04 20.70
C GLU D 22 32.44 20.99 21.88
N ALA D 23 33.43 20.85 22.77
CA ALA D 23 33.57 21.79 23.88
C ALA D 23 34.01 23.16 23.39
N ASN D 24 34.74 23.21 22.27
CA ASN D 24 35.23 24.48 21.75
C ASN D 24 34.16 25.26 20.99
N ILE D 25 32.97 24.70 20.80
CA ILE D 25 31.90 25.42 20.12
C ILE D 25 31.50 26.64 20.95
N ASP D 26 31.50 27.80 20.30
CA ASP D 26 31.13 29.05 20.97
C ASP D 26 29.60 29.10 21.08
N ARG D 27 29.10 28.45 22.13
CA ARG D 27 27.66 28.40 22.35
C ARG D 27 27.10 29.79 22.60
N ILE D 28 25.93 30.06 22.05
CA ILE D 28 25.26 31.34 22.21
C ILE D 28 24.18 31.19 23.28
N LYS D 29 23.70 32.33 23.78
CA LYS D 29 22.67 32.32 24.80
C LYS D 29 21.38 31.75 24.25
N VAL D 30 20.67 30.98 25.09
CA VAL D 30 19.40 30.39 24.68
C VAL D 30 18.37 31.48 24.39
N SER D 31 18.36 32.53 25.22
CA SER D 31 17.43 33.64 25.00
C SER D 31 17.69 34.31 23.66
N LYS D 32 18.96 34.52 23.31
CA LYS D 32 19.28 35.04 21.98
C LYS D 32 18.88 34.05 20.90
N ALA D 33 19.13 32.76 21.13
CA ALA D 33 18.67 31.74 20.19
C ALA D 33 17.16 31.66 20.15
N ALA D 34 16.50 31.89 21.30
CA ALA D 34 15.05 31.89 21.35
C ALA D 34 14.45 32.97 20.46
N ALA D 35 15.12 34.12 20.35
CA ALA D 35 14.60 35.21 19.54
C ALA D 35 14.51 34.83 18.07
N ASP D 36 15.47 34.03 17.58
CA ASP D 36 15.45 33.62 16.18
C ASP D 36 14.25 32.74 15.88
N LEU D 37 13.90 31.84 16.80
CA LEU D 37 12.82 30.90 16.54
C LEU D 37 11.47 31.59 16.47
N MET D 38 11.15 32.44 17.45
CA MET D 38 9.84 33.07 17.47
C MET D 38 9.70 34.13 16.37
N ALA D 39 10.79 34.84 16.06
CA ALA D 39 10.74 35.82 14.98
C ALA D 39 10.53 35.14 13.63
N TYR D 40 11.14 33.97 13.42
CA TYR D 40 10.96 33.27 12.16
C TYR D 40 9.51 32.85 11.96
N CYS D 41 8.85 32.40 13.03
CA CYS D 41 7.47 31.93 12.91
C CYS D 41 6.53 33.05 12.51
N GLU D 42 6.64 34.21 13.16
CA GLU D 42 5.71 35.30 12.86
C GLU D 42 6.03 35.98 11.54
N ALA D 43 7.29 35.95 11.11
CA ALA D 43 7.66 36.53 9.83
C ALA D 43 7.08 35.73 8.68
N HIS D 44 6.98 34.41 8.84
CA HIS D 44 6.44 33.53 7.81
C HIS D 44 5.07 32.96 8.18
N ALA D 45 4.42 33.54 9.18
CA ALA D 45 3.08 33.07 9.57
C ALA D 45 2.08 33.30 8.45
N LYS D 46 2.11 34.46 7.81
CA LYS D 46 1.20 34.73 6.71
C LYS D 46 1.48 33.81 5.52
N GLU D 47 2.77 33.59 5.21
CA GLU D 47 3.11 32.72 4.09
C GLU D 47 2.78 31.27 4.37
N ASP D 48 2.76 30.87 5.63
CA ASP D 48 2.49 29.48 5.97
C ASP D 48 1.01 29.16 5.76
N PRO D 49 0.67 28.19 4.91
CA PRO D 49 -0.74 27.87 4.69
C PRO D 49 -1.32 27.00 5.80
N LEU D 50 -0.46 26.26 6.50
CA LEU D 50 -0.93 25.32 7.51
C LEU D 50 -1.49 26.06 8.72
N LEU D 51 -0.76 27.08 9.21
CA LEU D 51 -1.23 27.85 10.35
C LEU D 51 -2.47 28.66 9.97
N THR D 52 -2.41 29.38 8.84
CA THR D 52 -3.54 30.16 8.36
C THR D 52 -4.06 29.53 7.08
N PRO D 53 -5.17 28.80 7.12
CA PRO D 53 -5.67 28.11 5.93
C PRO D 53 -5.96 29.07 4.79
N VAL D 54 -5.64 28.64 3.58
CA VAL D 54 -5.89 29.43 2.37
C VAL D 54 -7.36 29.25 1.97
N PRO D 55 -7.95 30.21 1.25
CA PRO D 55 -9.32 30.01 0.78
C PRO D 55 -9.42 28.87 -0.21
N ALA D 56 -10.60 28.25 -0.26
CA ALA D 56 -10.81 27.09 -1.12
C ALA D 56 -10.61 27.41 -2.60
N SER D 57 -10.69 28.68 -2.98
CA SER D 57 -10.44 29.06 -4.37
C SER D 57 -8.97 28.94 -4.76
N GLU D 58 -8.07 28.84 -3.78
CA GLU D 58 -6.64 28.69 -4.05
C GLU D 58 -6.07 27.40 -3.49
N ASN D 59 -6.88 26.55 -2.88
CA ASN D 59 -6.39 25.30 -2.32
C ASN D 59 -6.33 24.26 -3.43
N PRO D 60 -5.15 23.71 -3.75
CA PRO D 60 -5.08 22.66 -4.78
C PRO D 60 -5.90 21.43 -4.45
N PHE D 61 -5.99 21.05 -3.16
CA PHE D 61 -6.75 19.88 -2.75
C PHE D 61 -8.16 20.32 -2.37
N ARG D 62 -9.05 20.25 -3.34
CA ARG D 62 -10.44 20.63 -3.13
C ARG D 62 -11.12 19.62 -2.21
N VAL E 1 15.42 3.26 -29.30
CA VAL E 1 14.19 3.90 -29.71
C VAL E 1 14.16 4.01 -31.24
N GLN E 2 13.72 2.94 -31.90
CA GLN E 2 13.63 2.88 -33.35
C GLN E 2 12.24 2.40 -33.76
N LEU E 3 11.66 3.08 -34.73
CA LEU E 3 10.32 2.75 -35.22
C LEU E 3 10.40 2.53 -36.72
N VAL E 4 10.62 1.29 -37.12
CA VAL E 4 10.67 0.91 -38.53
C VAL E 4 9.28 0.55 -38.99
N GLU E 5 8.83 1.16 -40.08
CA GLU E 5 7.48 0.98 -40.60
C GLU E 5 7.52 0.32 -41.96
N SER E 6 6.55 -0.56 -42.19
CA SER E 6 6.45 -1.32 -43.44
C SER E 6 4.99 -1.39 -43.87
N GLY E 7 4.79 -1.71 -45.14
CA GLY E 7 3.46 -1.84 -45.71
C GLY E 7 3.09 -0.78 -46.72
N GLY E 8 4.00 0.14 -47.05
CA GLY E 8 3.72 1.15 -48.04
C GLY E 8 4.01 0.69 -49.46
N GLY E 9 3.46 1.41 -50.41
CA GLY E 9 3.68 1.11 -51.81
C GLY E 9 2.47 1.53 -52.64
N LEU E 10 2.59 1.27 -53.94
CA LEU E 10 1.51 1.59 -54.87
C LEU E 10 0.32 0.68 -54.63
N VAL E 11 -0.88 1.28 -54.67
CA VAL E 11 -2.12 0.55 -54.47
C VAL E 11 -3.18 1.08 -55.43
N GLN E 12 -4.13 0.20 -55.76
CA GLN E 12 -5.26 0.60 -56.58
C GLN E 12 -6.35 1.21 -55.71
N PRO E 13 -7.17 2.10 -56.27
CA PRO E 13 -8.28 2.67 -55.50
C PRO E 13 -9.23 1.58 -55.00
N GLY E 14 -9.69 1.74 -53.76
CA GLY E 14 -10.56 0.76 -53.14
C GLY E 14 -9.87 -0.46 -52.59
N GLY E 15 -8.54 -0.54 -52.69
CA GLY E 15 -7.80 -1.69 -52.20
C GLY E 15 -7.61 -1.67 -50.70
N SER E 16 -7.01 -2.75 -50.20
CA SER E 16 -6.76 -2.92 -48.78
C SER E 16 -5.32 -3.32 -48.56
N ARG E 17 -4.65 -2.64 -47.63
CA ARG E 17 -3.28 -2.95 -47.26
C ARG E 17 -3.13 -2.77 -45.75
N LYS E 18 -2.20 -3.52 -45.17
CA LYS E 18 -1.92 -3.43 -43.74
C LYS E 18 -0.59 -2.71 -43.54
N LEU E 19 -0.59 -1.72 -42.65
CA LEU E 19 0.61 -0.96 -42.32
C LEU E 19 1.15 -1.46 -40.99
N SER E 20 2.41 -1.89 -40.98
CA SER E 20 3.04 -2.46 -39.80
C SER E 20 4.16 -1.54 -39.32
N CYS E 21 4.11 -1.18 -38.04
CA CYS E 21 5.13 -0.36 -37.40
C CYS E 21 5.81 -1.21 -36.33
N SER E 22 7.13 -1.31 -36.42
CA SER E 22 7.92 -2.14 -35.51
C SER E 22 8.57 -1.27 -34.45
N ALA E 23 8.38 -1.63 -33.18
CA ALA E 23 8.90 -0.89 -32.05
C ALA E 23 10.05 -1.65 -31.42
N SER E 24 11.18 -0.96 -31.23
CA SER E 24 12.34 -1.56 -30.58
C SER E 24 13.11 -0.48 -29.85
N GLY E 25 13.67 -0.84 -28.69
CA GLY E 25 14.47 0.07 -27.91
C GLY E 25 13.72 0.81 -26.82
N PHE E 26 12.45 0.49 -26.57
CA PHE E 26 11.69 1.15 -25.52
C PHE E 26 10.53 0.24 -25.12
N ALA E 27 9.90 0.59 -24.00
CA ALA E 27 8.76 -0.17 -23.48
C ALA E 27 7.54 0.15 -24.33
N PHE E 28 7.32 -0.66 -25.36
CA PHE E 28 6.21 -0.44 -26.27
C PHE E 28 4.86 -0.63 -25.57
N SER E 29 4.79 -1.53 -24.59
CA SER E 29 3.52 -1.78 -23.91
C SER E 29 3.03 -0.56 -23.16
N SER E 30 3.94 0.17 -22.51
CA SER E 30 3.58 1.34 -21.72
C SER E 30 3.48 2.62 -22.54
N PHE E 31 3.75 2.55 -23.84
CA PHE E 31 3.73 3.72 -24.70
C PHE E 31 2.51 3.67 -25.62
N GLY E 32 1.74 4.75 -25.62
CA GLY E 32 0.67 4.88 -26.59
C GLY E 32 1.21 5.20 -27.97
N MET E 33 0.46 4.81 -28.99
CA MET E 33 0.89 4.95 -30.37
C MET E 33 -0.10 5.81 -31.15
N HIS E 34 0.43 6.60 -32.08
CA HIS E 34 -0.36 7.46 -32.94
C HIS E 34 0.06 7.25 -34.39
N TRP E 35 -0.90 7.40 -35.30
CA TRP E 35 -0.65 7.38 -36.73
C TRP E 35 -0.89 8.77 -37.28
N VAL E 36 0.13 9.36 -37.88
CA VAL E 36 0.07 10.71 -38.44
C VAL E 36 0.46 10.64 -39.90
N ARG E 37 -0.41 11.18 -40.77
CA ARG E 37 -0.17 11.19 -42.20
C ARG E 37 0.37 12.55 -42.64
N GLN E 38 1.09 12.55 -43.76
CA GLN E 38 1.68 13.77 -44.31
C GLN E 38 1.51 13.73 -45.82
N ALA E 39 0.48 14.42 -46.31
CA ALA E 39 0.24 14.48 -47.75
C ALA E 39 1.33 15.32 -48.42
N PRO E 40 1.67 15.00 -49.67
CA PRO E 40 2.71 15.78 -50.37
C PRO E 40 2.33 17.24 -50.46
N GLU E 41 3.28 18.11 -50.10
CA GLU E 41 3.10 19.56 -50.11
C GLU E 41 1.88 19.97 -49.28
N LYS E 42 1.65 19.26 -48.17
CA LYS E 42 0.53 19.53 -47.28
C LYS E 42 0.94 19.26 -45.84
N GLY E 43 0.18 19.83 -44.91
CA GLY E 43 0.47 19.66 -43.50
C GLY E 43 0.07 18.30 -42.97
N LEU E 44 0.51 18.02 -41.75
CA LEU E 44 0.20 16.76 -41.10
C LEU E 44 -1.27 16.67 -40.71
N GLU E 45 -1.77 15.44 -40.59
CA GLU E 45 -3.15 15.20 -40.19
C GLU E 45 -3.19 13.93 -39.34
N TRP E 46 -3.90 14.00 -38.22
CA TRP E 46 -4.03 12.84 -37.35
C TRP E 46 -4.92 11.79 -38.00
N VAL E 47 -4.53 10.53 -37.89
CA VAL E 47 -5.26 9.45 -38.56
C VAL E 47 -5.98 8.59 -37.53
N ALA E 48 -5.23 7.96 -36.63
CA ALA E 48 -5.81 7.04 -35.66
C ALA E 48 -4.96 7.05 -34.40
N TYR E 49 -5.39 6.28 -33.41
CA TYR E 49 -4.69 6.21 -32.13
C TYR E 49 -5.07 4.92 -31.41
N ILE E 50 -4.10 4.34 -30.71
CA ILE E 50 -4.32 3.19 -29.86
C ILE E 50 -3.68 3.46 -28.50
N SER E 51 -4.40 3.16 -27.44
CA SER E 51 -3.93 3.44 -26.09
C SER E 51 -3.12 2.27 -25.55
N SER E 52 -2.43 2.53 -24.43
CA SER E 52 -1.70 1.47 -23.75
C SER E 52 -2.67 0.39 -23.29
N GLY E 53 -2.34 -0.86 -23.61
CA GLY E 53 -3.25 -1.96 -23.33
C GLY E 53 -4.44 -2.04 -24.26
N SER E 54 -4.44 -1.27 -25.35
CA SER E 54 -5.55 -1.25 -26.31
C SER E 54 -6.88 -0.94 -25.63
N GLY E 55 -6.85 0.02 -24.72
CA GLY E 55 -8.05 0.38 -23.96
C GLY E 55 -9.02 1.25 -24.74
N THR E 56 -8.59 2.44 -25.13
CA THR E 56 -9.43 3.40 -25.83
C THR E 56 -8.91 3.60 -27.25
N ILE E 57 -9.82 3.54 -28.22
CA ILE E 57 -9.47 3.64 -29.63
C ILE E 57 -10.22 4.84 -30.22
N TYR E 58 -9.50 5.72 -30.90
CA TYR E 58 -10.09 6.87 -31.57
C TYR E 58 -9.63 6.93 -33.01
N TYR E 59 -10.48 7.54 -33.86
CA TYR E 59 -10.17 7.71 -35.27
C TYR E 59 -10.53 9.13 -35.69
N ALA E 60 -9.90 9.60 -36.76
CA ALA E 60 -10.24 10.90 -37.31
C ALA E 60 -11.61 10.85 -37.96
N ASP E 61 -12.24 12.03 -38.06
CA ASP E 61 -13.59 12.11 -38.61
C ASP E 61 -13.63 11.65 -40.07
N THR E 62 -12.65 12.05 -40.86
CA THR E 62 -12.63 11.66 -42.27
C THR E 62 -12.28 10.19 -42.46
N VAL E 63 -11.74 9.53 -41.43
CA VAL E 63 -11.33 8.14 -41.51
C VAL E 63 -12.07 7.25 -40.52
N LYS E 64 -13.06 7.80 -39.82
CA LYS E 64 -13.78 7.05 -38.78
C LYS E 64 -14.48 5.84 -39.40
N GLY E 65 -14.29 4.68 -38.77
CA GLY E 65 -14.92 3.46 -39.23
C GLY E 65 -14.20 2.80 -40.39
N ARG E 66 -13.75 3.61 -41.35
CA ARG E 66 -13.11 3.06 -42.54
C ARG E 66 -11.75 2.46 -42.22
N PHE E 67 -11.10 2.90 -41.15
CA PHE E 67 -9.78 2.40 -40.77
C PHE E 67 -9.83 1.76 -39.40
N THR E 68 -8.94 0.79 -39.17
CA THR E 68 -8.84 0.09 -37.91
C THR E 68 -7.38 0.00 -37.48
N ILE E 69 -7.15 0.14 -36.18
CA ILE E 69 -5.80 0.15 -35.60
C ILE E 69 -5.72 -0.89 -34.50
N SER E 70 -4.61 -1.65 -34.48
CA SER E 70 -4.39 -2.67 -33.48
C SER E 70 -2.91 -2.76 -33.18
N ARG E 71 -2.58 -3.37 -32.04
CA ARG E 71 -1.20 -3.56 -31.62
C ARG E 71 -1.00 -4.98 -31.13
N ASP E 72 0.25 -5.42 -31.16
CA ASP E 72 0.66 -6.74 -30.67
C ASP E 72 1.89 -6.55 -29.80
N ASP E 73 1.68 -6.37 -28.50
CA ASP E 73 2.77 -6.11 -27.57
C ASP E 73 3.73 -7.29 -27.37
N PRO E 74 3.31 -8.56 -27.54
CA PRO E 74 4.32 -9.63 -27.53
C PRO E 74 5.36 -9.48 -28.62
N LYS E 75 4.97 -8.99 -29.80
CA LYS E 75 5.90 -8.78 -30.90
C LYS E 75 6.39 -7.34 -30.99
N ASN E 76 5.92 -6.46 -30.11
CA ASN E 76 6.32 -5.05 -30.08
C ASN E 76 6.11 -4.39 -31.44
N THR E 77 4.93 -4.62 -32.01
CA THR E 77 4.59 -4.12 -33.33
C THR E 77 3.24 -3.43 -33.30
N LEU E 78 3.06 -2.51 -34.25
CA LEU E 78 1.82 -1.75 -34.41
C LEU E 78 1.22 -2.02 -35.77
N PHE E 79 -0.09 -2.23 -35.82
CA PHE E 79 -0.80 -2.58 -37.04
C PHE E 79 -1.89 -1.54 -37.33
N LEU E 80 -1.95 -1.09 -38.57
CA LEU E 80 -3.02 -0.21 -39.05
C LEU E 80 -3.61 -0.84 -40.30
N GLN E 81 -4.83 -1.36 -40.19
CA GLN E 81 -5.49 -2.04 -41.29
C GLN E 81 -6.23 -1.01 -42.13
N MET E 82 -5.90 -0.95 -43.42
CA MET E 82 -6.46 0.03 -44.34
C MET E 82 -7.51 -0.65 -45.22
N THR E 83 -8.69 -0.05 -45.33
CA THR E 83 -9.77 -0.59 -46.14
C THR E 83 -10.32 0.50 -47.04
N SER E 84 -10.62 0.12 -48.28
CA SER E 84 -11.23 1.00 -49.28
C SER E 84 -10.46 2.31 -49.41
N LEU E 85 -9.20 2.18 -49.84
CA LEU E 85 -8.34 3.34 -50.01
C LEU E 85 -8.82 4.21 -51.17
N ARG E 86 -8.86 5.52 -50.96
CA ARG E 86 -9.24 6.47 -51.98
C ARG E 86 -8.02 7.24 -52.45
N SER E 87 -8.24 8.22 -53.34
CA SER E 87 -7.13 9.04 -53.83
C SER E 87 -6.63 10.00 -52.77
N GLU E 88 -7.50 10.44 -51.86
CA GLU E 88 -7.11 11.36 -50.80
C GLU E 88 -6.19 10.71 -49.77
N ASP E 89 -6.26 9.38 -49.64
CA ASP E 89 -5.53 8.68 -48.58
C ASP E 89 -4.02 8.71 -48.77
N THR E 90 -3.52 9.12 -49.94
CA THR E 90 -2.08 9.16 -50.15
C THR E 90 -1.44 10.20 -49.24
N ALA E 91 -0.34 9.82 -48.59
CA ALA E 91 0.36 10.66 -47.64
C ALA E 91 1.62 9.94 -47.19
N MET E 92 2.44 10.65 -46.40
CA MET E 92 3.64 10.09 -45.80
C MET E 92 3.29 9.75 -44.35
N TYR E 93 2.85 8.51 -44.15
CA TYR E 93 2.37 8.09 -42.83
C TYR E 93 3.55 7.90 -41.87
N TYR E 94 3.38 8.36 -40.64
CA TYR E 94 4.42 8.28 -39.62
C TYR E 94 3.90 7.51 -38.41
N CYS E 95 4.79 6.75 -37.78
CA CYS E 95 4.49 6.03 -36.55
C CYS E 95 5.02 6.85 -35.38
N VAL E 96 4.11 7.38 -34.57
CA VAL E 96 4.46 8.30 -33.49
C VAL E 96 4.08 7.66 -32.16
N ARG E 97 5.01 7.70 -31.22
CA ARG E 97 4.79 7.20 -29.86
C ARG E 97 4.45 8.36 -28.93
N SER E 98 3.80 8.02 -27.81
CA SER E 98 3.44 9.01 -26.82
C SER E 98 3.07 8.35 -25.50
N ILE E 99 3.64 8.84 -24.40
CA ILE E 99 3.29 8.38 -23.06
C ILE E 99 2.54 9.50 -22.36
N TYR E 100 1.62 9.13 -21.47
CA TYR E 100 0.69 10.09 -20.86
C TYR E 100 0.73 9.95 -19.35
N TYR E 101 1.49 10.83 -18.70
CA TYR E 101 1.44 10.99 -17.25
C TYR E 101 1.86 12.41 -16.91
N TYR E 102 1.83 12.74 -15.63
CA TYR E 102 2.18 14.08 -15.19
C TYR E 102 3.64 14.37 -15.50
N GLY E 103 3.89 15.44 -16.25
CA GLY E 103 5.23 15.81 -16.62
C GLY E 103 5.80 15.08 -17.81
N SER E 104 4.99 14.29 -18.51
CA SER E 104 5.46 13.53 -19.66
C SER E 104 5.57 14.43 -20.89
N SER E 105 6.11 13.87 -21.97
CA SER E 105 6.26 14.57 -23.23
C SER E 105 5.65 13.72 -24.35
N PRO E 106 4.34 13.84 -24.55
CA PRO E 106 3.71 13.06 -25.62
C PRO E 106 4.21 13.49 -27.00
N PHE E 107 4.16 12.54 -27.93
CA PHE E 107 4.64 12.75 -29.30
C PHE E 107 6.13 13.10 -29.32
N ASP E 108 6.90 12.44 -28.44
CA ASP E 108 8.32 12.75 -28.30
C ASP E 108 9.12 12.31 -29.52
N PHE E 109 8.93 11.07 -29.96
CA PHE E 109 9.73 10.49 -31.02
C PHE E 109 8.83 10.03 -32.16
N TRP E 110 9.30 10.22 -33.40
CA TRP E 110 8.54 9.90 -34.60
C TRP E 110 9.26 8.83 -35.40
N GLY E 111 8.48 8.03 -36.12
CA GLY E 111 9.04 6.96 -36.93
C GLY E 111 9.65 7.46 -38.22
N GLN E 112 10.21 6.51 -38.97
CA GLN E 112 10.90 6.85 -40.22
C GLN E 112 9.91 7.38 -41.25
N GLY E 113 8.80 6.67 -41.47
CA GLY E 113 7.80 7.12 -42.41
C GLY E 113 7.62 6.19 -43.60
N THR E 114 6.36 5.97 -44.00
CA THR E 114 6.03 5.15 -45.15
C THR E 114 5.03 5.88 -46.02
N THR E 115 5.21 5.78 -47.33
CA THR E 115 4.36 6.47 -48.30
C THR E 115 3.45 5.47 -48.99
N LEU E 116 2.19 5.84 -49.16
CA LEU E 116 1.18 5.02 -49.83
C LEU E 116 0.69 5.79 -51.06
N THR E 117 1.35 5.56 -52.20
CA THR E 117 1.01 6.24 -53.44
C THR E 117 -0.13 5.48 -54.11
N VAL E 118 -1.37 5.90 -53.80
CA VAL E 118 -2.54 5.27 -54.40
C VAL E 118 -2.66 5.69 -55.86
N ALA E 136 -16.89 21.62 -35.23
CA ALA E 136 -16.59 21.36 -33.82
C ALA E 136 -15.10 21.20 -33.61
N ASP E 137 -14.38 20.83 -34.68
CA ASP E 137 -12.94 20.65 -34.59
C ASP E 137 -12.23 21.99 -34.46
N ILE E 138 -11.15 22.01 -33.69
CA ILE E 138 -10.35 23.22 -33.53
C ILE E 138 -9.56 23.47 -34.80
N VAL E 139 -9.64 24.70 -35.31
CA VAL E 139 -8.95 25.09 -36.54
C VAL E 139 -7.69 25.84 -36.12
N MET E 140 -6.53 25.26 -36.44
CA MET E 140 -5.24 25.88 -36.17
C MET E 140 -4.72 26.48 -37.46
N THR E 141 -4.53 27.80 -37.47
CA THR E 141 -4.09 28.53 -38.66
C THR E 141 -2.79 29.25 -38.36
N GLN E 142 -1.85 29.18 -39.30
CA GLN E 142 -0.59 29.89 -39.21
C GLN E 142 -0.65 31.14 -40.07
N ALA E 143 -0.09 32.24 -39.56
CA ALA E 143 -0.16 33.52 -40.26
C ALA E 143 0.51 33.43 -41.63
N THR E 144 1.71 32.86 -41.68
CA THR E 144 2.45 32.71 -42.92
C THR E 144 2.93 31.26 -43.05
N SER E 145 3.06 30.81 -44.30
CA SER E 145 3.55 29.47 -44.58
C SER E 145 5.07 29.42 -44.80
N SER E 146 5.73 30.58 -44.85
CA SER E 146 7.17 30.61 -45.08
C SER E 146 7.71 31.96 -44.63
N VAL E 147 8.73 31.94 -43.78
CA VAL E 147 9.39 33.15 -43.28
C VAL E 147 10.87 33.01 -43.58
N PRO E 148 11.45 33.87 -44.40
CA PRO E 148 12.91 33.85 -44.60
C PRO E 148 13.63 34.18 -43.29
N VAL E 149 14.76 33.51 -43.07
CA VAL E 149 15.53 33.67 -41.85
C VAL E 149 17.01 33.80 -42.19
N THR E 150 17.75 34.42 -41.28
CA THR E 150 19.19 34.58 -41.39
C THR E 150 19.84 34.16 -40.08
N PRO E 151 21.05 33.61 -40.14
CA PRO E 151 21.75 33.21 -38.89
C PRO E 151 21.98 34.41 -37.99
N GLY E 152 21.84 34.18 -36.69
CA GLY E 152 22.06 35.21 -35.69
C GLY E 152 20.85 36.07 -35.38
N GLU E 153 19.74 35.88 -36.09
CA GLU E 153 18.53 36.67 -35.88
C GLU E 153 17.54 35.90 -35.02
N SER E 154 16.48 36.59 -34.60
CA SER E 154 15.42 36.02 -33.79
C SER E 154 14.10 36.08 -34.55
N VAL E 155 13.41 34.94 -34.62
CA VAL E 155 12.13 34.86 -35.30
C VAL E 155 11.10 34.30 -34.31
N SER E 156 9.84 34.69 -34.51
CA SER E 156 8.74 34.29 -33.64
C SER E 156 7.61 33.74 -34.50
N ILE E 157 7.59 32.42 -34.67
CA ILE E 157 6.50 31.77 -35.40
C ILE E 157 5.25 31.78 -34.53
N SER E 158 4.14 32.23 -35.10
CA SER E 158 2.89 32.37 -34.38
C SER E 158 1.81 31.50 -34.99
N CYS E 159 0.82 31.14 -34.17
CA CYS E 159 -0.30 30.32 -34.59
C CYS E 159 -1.58 30.88 -33.99
N ARG E 160 -2.71 30.33 -34.43
CA ARG E 160 -4.02 30.76 -33.95
C ARG E 160 -4.86 29.54 -33.64
N SER E 161 -5.72 29.68 -32.63
CA SER E 161 -6.62 28.61 -32.20
C SER E 161 -8.05 29.11 -32.20
N SER E 162 -8.97 28.26 -32.68
CA SER E 162 -10.38 28.63 -32.72
C SER E 162 -10.93 28.83 -31.32
N LYS E 163 -10.58 27.96 -30.38
CA LYS E 163 -11.00 28.06 -29.00
C LYS E 163 -9.80 28.10 -28.08
N SER E 164 -10.01 28.59 -26.86
CA SER E 164 -8.94 28.67 -25.88
C SER E 164 -8.42 27.27 -25.54
N LEU E 165 -7.10 27.13 -25.54
CA LEU E 165 -6.45 25.86 -25.24
C LEU E 165 -6.05 25.73 -23.78
N LEU E 166 -6.36 26.72 -22.95
CA LEU E 166 -5.98 26.71 -21.54
C LEU E 166 -7.06 26.00 -20.74
N HIS E 167 -6.83 24.73 -20.42
CA HIS E 167 -7.75 23.97 -19.58
C HIS E 167 -7.69 24.49 -18.15
N SER E 168 -8.71 24.12 -17.37
CA SER E 168 -8.75 24.50 -15.96
C SER E 168 -7.56 23.97 -15.19
N ASN E 169 -6.89 22.93 -15.69
CA ASN E 169 -5.69 22.43 -15.04
C ASN E 169 -4.53 23.41 -15.13
N GLY E 170 -4.62 24.43 -15.98
CA GLY E 170 -3.58 25.41 -16.11
C GLY E 170 -2.55 25.13 -17.18
N ASN E 171 -2.83 24.21 -18.10
CA ASN E 171 -1.88 23.82 -19.14
C ASN E 171 -2.35 24.34 -20.48
N THR E 172 -1.42 24.93 -21.25
CA THR E 172 -1.68 25.34 -22.61
C THR E 172 -1.22 24.23 -23.54
N TYR E 173 -2.17 23.48 -24.10
CA TYR E 173 -1.88 22.24 -24.80
C TYR E 173 -1.39 22.55 -26.21
N LEU E 174 -0.09 22.84 -26.31
CA LEU E 174 0.57 23.07 -27.60
C LEU E 174 1.74 22.12 -27.73
N TYR E 175 1.93 21.57 -28.93
CA TYR E 175 3.06 20.71 -29.24
C TYR E 175 3.68 21.21 -30.55
N TRP E 176 4.90 21.75 -30.45
CA TRP E 176 5.61 22.25 -31.61
C TRP E 176 6.47 21.14 -32.22
N PHE E 177 6.48 21.09 -33.55
CA PHE E 177 7.24 20.09 -34.28
C PHE E 177 8.05 20.76 -35.38
N LEU E 178 9.25 20.23 -35.61
CA LEU E 178 10.13 20.71 -36.68
C LEU E 178 10.37 19.57 -37.64
N GLN E 179 10.07 19.80 -38.92
CA GLN E 179 10.21 18.79 -39.97
C GLN E 179 11.40 19.18 -40.85
N ARG E 180 12.57 18.66 -40.52
CA ARG E 180 13.74 18.89 -41.35
C ARG E 180 13.56 18.18 -42.70
N PRO E 181 14.01 18.78 -43.79
CA PRO E 181 13.87 18.12 -45.10
C PRO E 181 14.54 16.75 -45.11
N GLY E 182 13.79 15.75 -45.58
CA GLY E 182 14.27 14.39 -45.57
C GLY E 182 14.29 13.73 -44.21
N GLN E 183 13.67 14.35 -43.20
CA GLN E 183 13.65 13.83 -41.85
C GLN E 183 12.25 13.90 -41.27
N SER E 184 11.97 13.02 -40.31
CA SER E 184 10.68 12.99 -39.65
C SER E 184 10.53 14.19 -38.72
N PRO E 185 9.31 14.61 -38.44
CA PRO E 185 9.11 15.73 -37.50
C PRO E 185 9.64 15.40 -36.11
N GLN E 186 10.19 16.42 -35.46
CA GLN E 186 10.80 16.27 -34.15
C GLN E 186 10.16 17.27 -33.18
N LEU E 187 9.79 16.80 -32.00
CA LEU E 187 9.18 17.66 -31.01
C LEU E 187 10.18 18.72 -30.54
N LEU E 188 9.68 19.95 -30.38
CA LEU E 188 10.49 21.05 -29.85
C LEU E 188 10.00 21.50 -28.48
N ILE E 189 8.72 21.87 -28.37
CA ILE E 189 8.15 22.35 -27.12
C ILE E 189 6.81 21.65 -26.90
N TYR E 190 6.62 21.05 -25.73
CA TYR E 190 5.36 20.42 -25.37
C TYR E 190 4.70 21.21 -24.25
N ARG E 191 3.37 21.34 -24.33
CA ARG E 191 2.58 22.15 -23.40
C ARG E 191 2.98 23.62 -23.43
N MET E 192 3.59 24.05 -24.54
CA MET E 192 3.79 25.45 -24.88
C MET E 192 4.82 26.15 -23.99
N SER E 193 5.31 25.47 -22.96
CA SER E 193 6.28 26.09 -22.06
C SER E 193 7.49 25.21 -21.84
N ASN E 194 7.31 23.90 -21.90
CA ASN E 194 8.35 22.95 -21.52
C ASN E 194 9.11 22.48 -22.76
N LEU E 195 10.43 22.61 -22.72
CA LEU E 195 11.28 22.15 -23.81
C LEU E 195 11.42 20.63 -23.75
N ALA E 196 11.42 20.00 -24.92
CA ALA E 196 11.57 18.56 -24.99
C ALA E 196 13.03 18.16 -24.80
N SER E 197 13.22 16.87 -24.52
CA SER E 197 14.57 16.35 -24.29
C SER E 197 15.38 16.36 -25.58
N GLY E 198 16.61 16.86 -25.49
CA GLY E 198 17.50 16.95 -26.63
C GLY E 198 17.33 18.17 -27.50
N VAL E 199 16.32 18.99 -27.24
CA VAL E 199 16.10 20.20 -28.02
C VAL E 199 17.02 21.29 -27.49
N PRO E 200 17.72 22.02 -28.36
CA PRO E 200 18.58 23.11 -27.88
C PRO E 200 17.76 24.19 -27.18
N ASP E 201 18.39 24.87 -26.23
CA ASP E 201 17.73 25.91 -25.44
C ASP E 201 17.34 27.12 -26.28
N ARG E 202 17.84 27.24 -27.50
CA ARG E 202 17.52 28.39 -28.34
C ARG E 202 16.03 28.46 -28.67
N PHE E 203 15.31 27.34 -28.58
CA PHE E 203 13.87 27.35 -28.83
C PHE E 203 13.12 27.73 -27.57
N SER E 204 12.15 28.63 -27.70
CA SER E 204 11.34 29.07 -26.57
C SER E 204 9.98 29.51 -27.08
N GLY E 205 8.97 29.36 -26.22
CA GLY E 205 7.62 29.71 -26.60
C GLY E 205 6.77 29.99 -25.38
N SER E 206 5.75 30.82 -25.56
CA SER E 206 4.84 31.20 -24.49
C SER E 206 3.54 31.68 -25.13
N GLY E 207 2.68 32.29 -24.33
CA GLY E 207 1.43 32.85 -24.80
C GLY E 207 0.26 32.39 -23.96
N SER E 208 -0.92 32.81 -24.39
CA SER E 208 -2.18 32.49 -23.72
C SER E 208 -2.89 31.37 -24.47
N GLY E 209 -4.14 31.10 -24.07
CA GLY E 209 -4.93 30.07 -24.73
C GLY E 209 -5.24 30.37 -26.18
N THR E 210 -5.16 31.62 -26.59
CA THR E 210 -5.39 32.01 -27.97
C THR E 210 -4.16 32.63 -28.63
N ALA E 211 -3.45 33.51 -27.93
CA ALA E 211 -2.22 34.10 -28.47
C ALA E 211 -1.12 33.05 -28.42
N PHE E 212 -0.50 32.79 -29.57
CA PHE E 212 0.50 31.73 -29.68
C PHE E 212 1.75 32.28 -30.35
N THR E 213 2.91 31.82 -29.88
CA THR E 213 4.18 32.26 -30.45
C THR E 213 5.25 31.23 -30.13
N LEU E 214 6.36 31.32 -30.87
CA LEU E 214 7.53 30.46 -30.68
C LEU E 214 8.75 31.36 -30.86
N THR E 215 9.27 31.88 -29.75
CA THR E 215 10.39 32.82 -29.78
C THR E 215 11.69 32.04 -29.97
N ILE E 216 12.09 31.91 -31.23
CA ILE E 216 13.31 31.19 -31.58
C ILE E 216 14.50 32.14 -31.46
N SER E 217 15.60 31.63 -30.91
CA SER E 217 16.83 32.40 -30.80
C SER E 217 17.60 32.32 -32.12
N ARG E 218 18.88 32.71 -32.09
CA ARG E 218 19.73 32.70 -33.28
C ARG E 218 19.64 31.36 -34.01
N LEU E 219 19.16 31.41 -35.25
CA LEU E 219 18.97 30.19 -36.03
C LEU E 219 20.29 29.54 -36.37
N GLU E 220 20.25 28.22 -36.57
CA GLU E 220 21.41 27.43 -36.96
C GLU E 220 21.08 26.68 -38.24
N ALA E 221 22.00 25.81 -38.66
CA ALA E 221 21.79 25.04 -39.87
C ALA E 221 20.66 24.04 -39.71
N GLU E 222 20.51 23.47 -38.52
CA GLU E 222 19.48 22.47 -38.27
C GLU E 222 18.08 23.05 -38.07
N ASP E 223 17.96 24.38 -37.99
CA ASP E 223 16.67 25.02 -37.76
C ASP E 223 15.82 25.11 -39.02
N VAL E 224 16.36 24.75 -40.19
CA VAL E 224 15.57 24.80 -41.41
C VAL E 224 14.52 23.70 -41.40
N GLY E 225 13.43 23.92 -42.13
CA GLY E 225 12.34 22.99 -42.22
C GLY E 225 11.01 23.68 -42.01
N VAL E 226 9.98 22.88 -41.79
CA VAL E 226 8.62 23.37 -41.59
C VAL E 226 8.24 23.21 -40.13
N TYR E 227 7.68 24.26 -39.53
CA TYR E 227 7.28 24.27 -38.14
C TYR E 227 5.77 24.10 -38.05
N TYR E 228 5.33 23.19 -37.19
CA TYR E 228 3.91 22.87 -37.02
C TYR E 228 3.48 23.11 -35.60
N CYS E 229 2.26 23.64 -35.44
CA CYS E 229 1.63 23.81 -34.15
C CYS E 229 0.40 22.90 -34.08
N MET E 230 0.32 22.10 -33.03
CA MET E 230 -0.71 21.08 -32.90
C MET E 230 -1.44 21.23 -31.57
N GLN E 231 -2.76 21.24 -31.62
CA GLN E 231 -3.59 21.33 -30.43
C GLN E 231 -3.87 19.94 -29.88
N HIS E 232 -4.12 19.87 -28.57
CA HIS E 232 -4.38 18.59 -27.91
C HIS E 232 -5.50 18.63 -26.89
N LEU E 233 -6.23 19.75 -26.76
CA LEU E 233 -7.31 19.80 -25.77
C LEU E 233 -8.43 18.83 -26.13
N GLU E 234 -8.90 18.89 -27.38
CA GLU E 234 -9.89 17.95 -27.89
C GLU E 234 -9.21 16.99 -28.85
N TYR E 235 -9.58 15.72 -28.76
CA TYR E 235 -8.79 14.63 -29.31
C TYR E 235 -8.69 14.57 -30.84
N PRO E 236 -9.62 15.17 -31.63
CA PRO E 236 -9.41 15.23 -33.09
C PRO E 236 -8.00 15.62 -33.54
N LEU E 237 -7.28 16.38 -32.71
CA LEU E 237 -5.85 16.65 -32.91
C LEU E 237 -5.57 17.24 -34.30
N THR E 238 -6.10 18.43 -34.53
CA THR E 238 -5.91 19.11 -35.80
C THR E 238 -4.56 19.82 -35.81
N PHE E 239 -3.71 19.49 -36.77
CA PHE E 239 -2.40 20.11 -36.89
C PHE E 239 -2.51 21.50 -37.53
N GLY E 240 -1.42 22.25 -37.44
CA GLY E 240 -1.37 23.57 -38.04
C GLY E 240 -1.07 23.52 -39.52
N ALA E 241 -1.17 24.69 -40.15
CA ALA E 241 -0.90 24.79 -41.59
C ALA E 241 0.56 24.49 -41.89
N GLY E 242 1.47 25.01 -41.08
CA GLY E 242 2.88 24.78 -41.28
C GLY E 242 3.62 25.99 -41.82
N THR E 243 4.69 26.39 -41.13
CA THR E 243 5.49 27.55 -41.53
C THR E 243 6.91 27.07 -41.84
N LYS E 244 7.39 27.41 -43.02
CA LYS E 244 8.73 27.04 -43.46
C LYS E 244 9.72 28.14 -43.08
N LEU E 245 10.95 27.72 -42.74
CA LEU E 245 12.03 28.63 -42.37
C LEU E 245 13.11 28.54 -43.44
N GLU E 246 13.11 29.49 -44.37
CA GLU E 246 14.10 29.52 -45.43
C GLU E 246 15.48 29.85 -44.87
N LEU E 247 16.51 29.24 -45.45
CA LEU E 247 17.88 29.47 -45.01
C LEU E 247 18.35 30.87 -45.40
C09 9UJ F . -44.47 -18.50 -1.78
C10 9UJ F . -44.90 -16.56 -3.31
C11 9UJ F . -43.03 -17.61 -1.97
C12 9UJ F . -45.63 -15.40 -2.82
C13 9UJ F . -46.59 -18.78 -3.16
C14 9UJ F . -44.84 -18.39 -0.46
C15 9UJ F . -47.64 -18.45 -4.20
C16 9UJ F . -45.24 -14.20 -3.32
C17 9UJ F . -46.68 -15.48 -1.92
C18 9UJ F . -48.16 -19.57 -4.79
C19 9UJ F . -48.10 -17.20 -4.57
C20 9UJ F . -49.54 -18.22 -6.12
C21 9UJ F . -45.89 -13.06 -2.92
C22 9UJ F . -47.33 -14.34 -1.53
C23 9UJ F . -49.10 -19.46 -5.75
C24 9UJ F . -49.05 -17.07 -5.54
C25 9UJ F . -50.59 -18.18 -7.17
C26 9UJ F . -46.93 -13.12 -2.04
C27 9UJ F . -51.95 -17.89 -7.00
C28 9UJ F . -50.42 -18.48 -8.56
C29 9UJ F . -52.66 -17.50 -5.72
C30 9UJ F . -49.15 -18.86 -9.29
N07 9UJ F . -45.44 -17.99 -2.77
N08 9UJ F . -51.61 -18.33 -9.09
O03 9UJ F . -46.00 -18.17 -0.07
O04 9UJ F . -46.74 -19.82 -2.63
O05 9UJ F . -43.92 -18.57 0.35
O06 9UJ F . -52.48 -17.98 -8.18
S02 9UJ F . -43.32 -16.40 -2.75
CL01 9UJ F . -43.89 -14.10 -4.47
C22 A1AZC G . -11.08 -23.35 -6.12
C25 A1AZC G . -10.58 -25.87 -5.10
C26 A1AZC G . -11.20 -24.92 -4.31
C17 A1AZC G . -14.03 -22.25 -4.16
C16 A1AZC G . -14.95 -21.63 -3.33
C21 A1AZC G . -11.46 -23.66 -4.82
C11 A1AZC G . -15.26 -23.62 -7.37
N15 A1AZC G . -16.15 -21.69 -3.93
C14 A1AZC G . -16.02 -22.34 -5.13
C29 A1AZC G . -14.82 -24.35 -8.64
C01 A1AZC G . -19.70 -20.90 -3.31
C02 A1AZC G . -20.24 -21.85 -4.40
C03 A1AZC G . -19.11 -22.80 -4.81
C05 A1AZC G . -19.30 -22.23 -7.10
C06 A1AZC G . -20.71 -21.78 -6.68
C08 A1AZC G . -21.30 -20.87 -7.78
C09 A1AZC G . -16.97 -22.64 -6.14
C13 A1AZC G . -14.71 -22.69 -5.31
C23 A1AZC G . -10.46 -24.30 -6.90
C24 A1AZC G . -10.20 -25.56 -6.39
F27 A1AZC G . -11.56 -25.23 -3.03
N04 A1AZC G . -18.36 -22.28 -5.97
N10 A1AZC G . -16.54 -23.27 -7.22
N12 A1AZC G . -14.35 -23.34 -6.45
N28 A1AZC G . -14.65 -21.05 -2.04
O07 A1AZC G . -20.70 -21.09 -5.48
O19 A1AZC G . -12.07 -22.69 -2.36
O20 A1AZC G . -11.63 -21.10 -3.91
S18 A1AZC G . -12.27 -22.41 -3.78
#